data_2JM2
#
_entry.id   2JM2
#
_entity_poly.entity_id   1
_entity_poly.type   'polypeptide(L)'
_entity_poly.pdbx_seq_one_letter_code
;ALARCPGCGQGVQAGCPGGCVEEEDGGSPAEGCAEAEGCLRREGQ
;
_entity_poly.pdbx_strand_id   A
#
# COMPACT_ATOMS: atom_id res chain seq x y z
N ALA A 1 -15.63 31.34 32.86
CA ALA A 1 -16.83 30.83 32.14
C ALA A 1 -16.43 30.25 30.78
N LEU A 2 -17.39 29.82 29.98
CA LEU A 2 -17.06 29.26 28.64
C LEU A 2 -17.94 29.89 27.57
N ALA A 3 -17.36 30.62 26.65
CA ALA A 3 -18.16 31.26 25.58
C ALA A 3 -18.22 30.37 24.33
N ARG A 4 -18.56 29.11 24.50
CA ARG A 4 -18.63 28.19 23.33
C ARG A 4 -19.41 26.93 23.71
N CYS A 5 -20.30 26.48 22.86
CA CYS A 5 -21.09 25.25 23.17
C CYS A 5 -20.34 24.00 22.70
N PRO A 6 -19.99 23.15 23.64
CA PRO A 6 -19.26 21.92 23.30
C PRO A 6 -20.22 20.82 22.82
N GLY A 7 -19.77 19.94 21.97
CA GLY A 7 -20.65 18.84 21.47
C GLY A 7 -21.43 19.30 20.22
N CYS A 8 -22.00 20.48 20.25
CA CYS A 8 -22.77 20.96 19.07
C CYS A 8 -21.81 21.52 18.00
N GLY A 9 -22.34 22.08 16.94
CA GLY A 9 -21.47 22.63 15.87
C GLY A 9 -21.96 22.08 14.51
N GLN A 10 -21.16 21.28 13.85
CA GLN A 10 -21.59 20.69 12.55
C GLN A 10 -20.69 19.51 12.17
N GLY A 11 -19.48 19.78 11.72
CA GLY A 11 -18.56 18.66 11.31
C GLY A 11 -18.35 17.67 12.47
N VAL A 12 -18.51 18.11 13.69
CA VAL A 12 -18.32 17.17 14.84
C VAL A 12 -19.65 16.47 15.18
N GLN A 13 -20.70 17.22 15.40
CA GLN A 13 -22.02 16.60 15.75
C GLN A 13 -22.61 15.80 14.57
N ALA A 14 -22.36 16.21 13.36
CA ALA A 14 -22.93 15.46 12.20
C ALA A 14 -21.91 15.40 11.05
N GLY A 15 -20.71 14.96 11.33
CA GLY A 15 -19.67 14.87 10.26
C GLY A 15 -18.68 13.75 10.59
N CYS A 16 -17.67 14.04 11.37
CA CYS A 16 -16.67 13.00 11.73
C CYS A 16 -16.81 12.61 13.21
N PRO A 17 -17.51 11.52 13.44
CA PRO A 17 -17.71 11.03 14.84
C PRO A 17 -16.41 10.43 15.39
N GLY A 18 -15.40 11.23 15.58
CA GLY A 18 -14.10 10.70 16.10
C GLY A 18 -12.99 11.06 15.12
N GLY A 19 -13.17 10.78 13.86
CA GLY A 19 -12.12 11.10 12.85
C GLY A 19 -12.59 10.63 11.48
N CYS A 20 -12.44 11.45 10.47
CA CYS A 20 -12.88 11.05 9.10
C CYS A 20 -11.72 10.39 8.34
N VAL A 21 -10.84 9.70 9.00
CA VAL A 21 -9.70 9.05 8.30
C VAL A 21 -9.42 7.65 8.87
N GLU A 22 -10.41 6.80 8.87
CA GLU A 22 -10.20 5.41 9.40
C GLU A 22 -9.73 4.49 8.25
N GLU A 23 -8.74 4.94 7.51
CA GLU A 23 -8.20 4.14 6.36
C GLU A 23 -9.32 3.86 5.33
N GLU A 24 -9.09 2.98 4.39
CA GLU A 24 -10.13 2.68 3.36
C GLU A 24 -11.33 1.94 3.97
N ASP A 25 -11.14 1.28 5.08
CA ASP A 25 -12.25 0.54 5.73
C ASP A 25 -12.14 0.63 7.26
N GLY A 26 -11.06 0.13 7.82
CA GLY A 26 -10.90 0.21 9.31
C GLY A 26 -9.68 -0.61 9.73
N GLY A 27 -8.50 -0.03 9.65
CA GLY A 27 -7.26 -0.77 10.06
C GLY A 27 -7.02 -1.94 9.11
N SER A 28 -7.48 -1.84 7.89
CA SER A 28 -7.30 -2.95 6.90
C SER A 28 -6.16 -2.61 5.94
N PRO A 29 -4.99 -3.15 6.20
CA PRO A 29 -3.81 -2.89 5.34
C PRO A 29 -3.96 -3.57 3.96
N ALA A 30 -4.92 -3.15 3.17
CA ALA A 30 -5.12 -3.76 1.84
C ALA A 30 -5.23 -2.66 0.77
N GLU A 31 -4.16 -1.93 0.53
CA GLU A 31 -4.20 -0.85 -0.48
C GLU A 31 -3.36 -1.22 -1.70
N GLY A 32 -2.06 -1.28 -1.55
CA GLY A 32 -1.17 -1.63 -2.70
C GLY A 32 -1.30 -3.12 -3.02
N CYS A 33 -1.32 -3.96 -2.03
CA CYS A 33 -1.43 -5.43 -2.29
C CYS A 33 -2.78 -5.95 -1.76
N ALA A 34 -3.84 -5.73 -2.50
CA ALA A 34 -5.18 -6.20 -2.03
C ALA A 34 -5.85 -7.09 -3.08
N GLU A 35 -5.84 -6.68 -4.32
CA GLU A 35 -6.48 -7.50 -5.39
C GLU A 35 -5.45 -8.37 -6.12
N ALA A 36 -5.87 -9.07 -7.14
CA ALA A 36 -4.91 -9.95 -7.89
C ALA A 36 -4.09 -9.10 -8.86
N GLU A 37 -4.68 -8.07 -9.43
CA GLU A 37 -3.92 -7.21 -10.38
C GLU A 37 -2.99 -6.24 -9.63
N GLY A 38 -2.93 -6.31 -8.30
CA GLY A 38 -2.03 -5.39 -7.54
C GLY A 38 -0.69 -6.06 -7.33
N CYS A 39 -0.68 -7.32 -6.96
CA CYS A 39 0.62 -8.03 -6.72
C CYS A 39 0.42 -9.56 -6.78
N LEU A 40 -0.20 -10.08 -7.81
CA LEU A 40 -0.41 -11.57 -7.89
C LEU A 40 0.92 -12.35 -7.78
N ARG A 41 1.97 -11.88 -8.42
CA ARG A 41 3.29 -12.60 -8.35
C ARG A 41 3.09 -14.12 -8.62
N ARG A 42 3.97 -14.96 -8.13
CA ARG A 42 3.81 -16.43 -8.35
C ARG A 42 3.03 -17.04 -7.19
N GLU A 43 3.52 -16.86 -5.99
CA GLU A 43 2.82 -17.42 -4.80
C GLU A 43 2.36 -16.27 -3.89
N GLY A 44 1.15 -16.36 -3.40
CA GLY A 44 0.62 -15.27 -2.52
C GLY A 44 0.41 -15.82 -1.10
N GLN A 45 -0.25 -16.94 -0.97
CA GLN A 45 -0.49 -17.54 0.39
C GLN A 45 0.54 -18.64 0.68
N ALA A 1 -28.06 -25.44 48.18
CA ALA A 1 -28.48 -24.09 47.72
C ALA A 1 -27.65 -23.65 46.51
N LEU A 2 -27.98 -24.11 45.33
CA LEU A 2 -27.21 -23.72 44.12
C LEU A 2 -28.15 -23.41 42.94
N ALA A 3 -29.40 -23.10 43.21
CA ALA A 3 -30.36 -22.80 42.11
C ALA A 3 -30.11 -21.39 41.56
N ARG A 4 -29.19 -21.24 40.64
CA ARG A 4 -28.91 -19.90 40.06
C ARG A 4 -28.86 -20.00 38.52
N CYS A 5 -28.39 -18.99 37.86
CA CYS A 5 -28.33 -19.05 36.37
C CYS A 5 -27.11 -19.87 35.91
N PRO A 6 -27.38 -20.86 35.09
CA PRO A 6 -26.30 -21.76 34.59
C PRO A 6 -25.40 -21.06 33.56
N GLY A 7 -25.77 -21.07 32.30
CA GLY A 7 -24.91 -20.42 31.28
C GLY A 7 -25.54 -19.10 30.83
N CYS A 8 -25.81 -18.22 31.75
CA CYS A 8 -26.42 -16.91 31.36
C CYS A 8 -25.71 -15.75 32.10
N GLY A 9 -25.70 -14.59 31.51
CA GLY A 9 -25.02 -13.42 32.16
C GLY A 9 -25.05 -12.22 31.22
N GLN A 10 -25.00 -11.02 31.76
CA GLN A 10 -25.04 -9.80 30.90
C GLN A 10 -23.89 -8.87 31.29
N GLY A 11 -22.67 -9.25 31.00
CA GLY A 11 -21.49 -8.38 31.36
C GLY A 11 -21.35 -7.24 30.36
N VAL A 12 -21.13 -7.57 29.10
CA VAL A 12 -20.97 -6.49 28.07
C VAL A 12 -22.03 -6.60 26.95
N GLN A 13 -22.46 -7.80 26.64
CA GLN A 13 -23.50 -8.00 25.57
C GLN A 13 -23.02 -7.37 24.25
N ALA A 14 -21.83 -7.70 23.82
CA ALA A 14 -21.31 -7.14 22.54
C ALA A 14 -21.35 -8.20 21.43
N GLY A 15 -20.66 -9.30 21.60
CA GLY A 15 -20.66 -10.37 20.56
C GLY A 15 -20.41 -11.73 21.21
N CYS A 16 -19.17 -12.07 21.43
CA CYS A 16 -18.85 -13.38 22.07
C CYS A 16 -18.91 -13.25 23.60
N PRO A 17 -19.53 -14.21 24.24
CA PRO A 17 -19.61 -14.19 25.73
C PRO A 17 -18.24 -14.52 26.33
N GLY A 18 -17.32 -13.60 26.23
CA GLY A 18 -15.95 -13.85 26.77
C GLY A 18 -15.05 -14.44 25.67
N GLY A 19 -15.52 -15.47 25.01
CA GLY A 19 -14.70 -16.09 23.92
C GLY A 19 -14.67 -15.22 22.67
N CYS A 20 -14.06 -14.07 22.74
CA CYS A 20 -13.98 -13.17 21.55
C CYS A 20 -12.53 -12.79 21.30
N VAL A 21 -11.75 -13.71 20.80
CA VAL A 21 -10.31 -13.43 20.54
C VAL A 21 -9.91 -13.76 19.09
N GLU A 22 -10.68 -14.57 18.40
CA GLU A 22 -10.34 -14.91 16.99
C GLU A 22 -10.78 -13.77 16.05
N GLU A 23 -10.42 -12.55 16.34
CA GLU A 23 -10.82 -11.42 15.47
C GLU A 23 -9.75 -11.19 14.38
N GLU A 24 -9.89 -10.13 13.62
CA GLU A 24 -8.92 -9.82 12.53
C GLU A 24 -8.81 -11.01 11.56
N ASP A 25 -9.91 -11.39 10.94
CA ASP A 25 -9.86 -12.53 9.98
C ASP A 25 -9.87 -11.99 8.54
N GLY A 26 -9.95 -12.86 7.56
CA GLY A 26 -9.96 -12.39 6.14
C GLY A 26 -8.52 -12.07 5.70
N GLY A 27 -7.95 -11.03 6.22
CA GLY A 27 -6.54 -10.68 5.84
C GLY A 27 -6.40 -9.15 5.80
N SER A 28 -5.59 -8.60 6.66
CA SER A 28 -5.40 -7.11 6.68
C SER A 28 -4.37 -6.69 5.61
N PRO A 29 -4.63 -5.55 5.00
CA PRO A 29 -3.73 -5.04 3.92
C PRO A 29 -2.41 -4.53 4.51
N ALA A 30 -1.42 -5.37 4.60
CA ALA A 30 -0.10 -4.92 5.15
C ALA A 30 0.85 -4.51 4.02
N GLU A 31 1.08 -5.38 3.07
CA GLU A 31 2.01 -5.04 1.94
C GLU A 31 1.28 -4.17 0.90
N GLY A 32 0.00 -3.95 1.03
CA GLY A 32 -0.74 -3.12 0.04
C GLY A 32 -1.28 -4.00 -1.10
N CYS A 33 -0.88 -5.25 -1.16
CA CYS A 33 -1.37 -6.15 -2.24
C CYS A 33 -2.77 -6.67 -1.91
N ALA A 34 -3.74 -5.80 -1.86
CA ALA A 34 -5.13 -6.23 -1.55
C ALA A 34 -5.77 -6.84 -2.80
N GLU A 35 -5.51 -6.26 -3.94
CA GLU A 35 -6.08 -6.81 -5.21
C GLU A 35 -5.12 -7.84 -5.81
N ALA A 36 -5.59 -8.67 -6.71
CA ALA A 36 -4.70 -9.70 -7.32
C ALA A 36 -3.82 -9.07 -8.40
N GLU A 37 -4.38 -8.29 -9.28
CA GLU A 37 -3.56 -7.66 -10.35
C GLU A 37 -3.12 -6.24 -9.93
N GLY A 38 -2.34 -6.15 -8.88
CA GLY A 38 -1.89 -4.81 -8.41
C GLY A 38 -0.50 -4.90 -7.77
N CYS A 39 0.23 -5.96 -7.98
CA CYS A 39 1.59 -6.07 -7.35
C CYS A 39 2.58 -6.77 -8.29
N LEU A 40 2.37 -6.70 -9.58
CA LEU A 40 3.29 -7.36 -10.57
C LEU A 40 3.63 -8.80 -10.15
N ARG A 41 2.66 -9.69 -10.16
CA ARG A 41 2.92 -11.11 -9.80
C ARG A 41 1.65 -11.95 -10.07
N ARG A 42 1.75 -12.92 -10.94
CA ARG A 42 0.56 -13.77 -11.25
C ARG A 42 0.95 -15.26 -11.33
N GLU A 43 2.06 -15.57 -11.93
CA GLU A 43 2.49 -17.00 -12.04
C GLU A 43 2.62 -17.63 -10.64
N GLY A 44 2.05 -18.78 -10.44
CA GLY A 44 2.12 -19.45 -9.11
C GLY A 44 2.29 -20.96 -9.28
N GLN A 45 1.50 -21.56 -10.13
CA GLN A 45 1.61 -23.04 -10.34
C GLN A 45 1.76 -23.37 -11.83
N ALA A 1 -30.99 16.14 -9.24
CA ALA A 1 -32.32 16.79 -9.11
C ALA A 1 -32.38 18.05 -9.98
N LEU A 2 -33.50 18.30 -10.60
CA LEU A 2 -33.64 19.52 -11.48
C LEU A 2 -32.64 19.47 -12.64
N ALA A 3 -33.04 18.94 -13.77
CA ALA A 3 -32.11 18.87 -14.95
C ALA A 3 -31.61 20.26 -15.32
N ARG A 4 -30.34 20.52 -15.14
CA ARG A 4 -29.77 21.85 -15.49
C ARG A 4 -28.25 21.77 -15.64
N CYS A 5 -27.58 21.30 -14.62
CA CYS A 5 -26.08 21.18 -14.70
C CYS A 5 -25.65 19.82 -14.14
N PRO A 6 -25.57 18.85 -15.03
CA PRO A 6 -25.17 17.48 -14.63
C PRO A 6 -23.67 17.37 -14.33
N GLY A 7 -22.88 18.28 -14.82
CA GLY A 7 -21.40 18.22 -14.57
C GLY A 7 -21.09 18.64 -13.12
N CYS A 8 -21.76 19.65 -12.63
CA CYS A 8 -21.50 20.12 -11.23
C CYS A 8 -22.33 19.32 -10.22
N GLY A 9 -22.29 19.70 -8.97
CA GLY A 9 -23.07 18.95 -7.93
C GLY A 9 -23.64 19.93 -6.90
N GLN A 10 -23.54 19.61 -5.63
CA GLN A 10 -24.08 20.52 -4.57
C GLN A 10 -23.11 21.68 -4.26
N GLY A 11 -22.51 22.26 -5.27
CA GLY A 11 -21.57 23.41 -5.01
C GLY A 11 -20.19 22.91 -4.58
N VAL A 12 -20.12 21.82 -3.84
CA VAL A 12 -18.80 21.30 -3.37
C VAL A 12 -18.67 19.79 -3.66
N GLN A 13 -18.73 19.42 -4.90
CA GLN A 13 -18.61 17.98 -5.27
C GLN A 13 -17.46 17.80 -6.27
N ALA A 14 -16.29 17.48 -5.78
CA ALA A 14 -15.13 17.30 -6.70
C ALA A 14 -14.13 16.29 -6.13
N GLY A 15 -13.27 15.78 -6.98
CA GLY A 15 -12.23 14.79 -6.53
C GLY A 15 -10.96 15.03 -7.35
N CYS A 16 -11.05 14.94 -8.65
CA CYS A 16 -9.88 15.19 -9.53
C CYS A 16 -10.21 16.34 -10.49
N PRO A 17 -10.13 17.56 -9.98
CA PRO A 17 -10.47 18.77 -10.79
C PRO A 17 -9.47 19.00 -11.93
N GLY A 18 -8.27 18.50 -11.83
CA GLY A 18 -7.29 18.70 -12.93
C GLY A 18 -7.28 17.48 -13.86
N GLY A 19 -8.31 16.68 -13.83
CA GLY A 19 -8.34 15.48 -14.71
C GLY A 19 -8.32 14.24 -13.84
N CYS A 20 -9.07 13.22 -14.22
CA CYS A 20 -9.09 11.96 -13.41
C CYS A 20 -8.37 10.85 -14.17
N VAL A 21 -8.08 9.76 -13.50
CA VAL A 21 -7.37 8.64 -14.19
C VAL A 21 -8.37 7.82 -15.03
N GLU A 22 -8.93 8.43 -16.04
CA GLU A 22 -9.88 7.69 -16.92
C GLU A 22 -9.17 7.14 -18.16
N GLU A 23 -8.15 7.83 -18.63
CA GLU A 23 -7.40 7.36 -19.83
C GLU A 23 -6.18 6.53 -19.42
N GLU A 24 -6.39 5.50 -18.62
CA GLU A 24 -5.28 4.62 -18.15
C GLU A 24 -4.00 5.43 -17.83
N ASP A 25 -4.05 6.23 -16.79
CA ASP A 25 -2.83 7.02 -16.38
C ASP A 25 -1.97 6.21 -15.40
N GLY A 26 -2.46 5.10 -14.91
CA GLY A 26 -1.69 4.28 -13.93
C GLY A 26 -2.01 4.75 -12.51
N GLY A 27 -1.63 5.95 -12.18
CA GLY A 27 -1.92 6.49 -10.81
C GLY A 27 -1.12 5.73 -9.75
N SER A 28 -1.21 6.13 -8.51
CA SER A 28 -0.47 5.43 -7.43
C SER A 28 -1.46 4.69 -6.51
N PRO A 29 -1.67 3.43 -6.79
CA PRO A 29 -2.61 2.62 -5.98
C PRO A 29 -2.02 2.32 -4.58
N ALA A 30 -2.56 2.91 -3.56
CA ALA A 30 -2.02 2.66 -2.19
C ALA A 30 -2.54 1.33 -1.65
N GLU A 31 -3.83 1.13 -1.64
CA GLU A 31 -4.41 -0.16 -1.14
C GLU A 31 -4.55 -1.18 -2.27
N GLY A 32 -3.89 -0.96 -3.38
CA GLY A 32 -3.98 -1.93 -4.52
C GLY A 32 -2.92 -3.03 -4.34
N CYS A 33 -2.68 -3.42 -3.12
CA CYS A 33 -1.67 -4.50 -2.86
C CYS A 33 -2.36 -5.76 -2.29
N ALA A 34 -3.64 -5.91 -2.52
CA ALA A 34 -4.36 -7.11 -1.98
C ALA A 34 -5.57 -7.47 -2.85
N GLU A 35 -5.39 -7.49 -4.16
CA GLU A 35 -6.52 -7.83 -5.07
C GLU A 35 -6.10 -8.93 -6.05
N ALA A 36 -6.77 -9.04 -7.17
CA ALA A 36 -6.39 -10.11 -8.16
C ALA A 36 -5.14 -9.71 -8.94
N GLU A 37 -4.86 -8.44 -9.04
CA GLU A 37 -3.65 -8.00 -9.78
C GLU A 37 -2.40 -8.17 -8.90
N GLY A 38 -2.54 -7.99 -7.61
CA GLY A 38 -1.37 -8.15 -6.69
C GLY A 38 -0.94 -6.78 -6.19
N CYS A 39 0.06 -6.20 -6.82
CA CYS A 39 0.54 -4.84 -6.40
C CYS A 39 1.35 -4.21 -7.53
N LEU A 40 0.86 -3.13 -8.09
CA LEU A 40 1.61 -2.48 -9.21
C LEU A 40 2.59 -1.43 -8.68
N ARG A 41 3.87 -1.64 -8.91
CA ARG A 41 4.90 -0.67 -8.44
C ARG A 41 6.27 -1.06 -9.02
N ARG A 42 6.63 -0.51 -10.15
CA ARG A 42 7.95 -0.85 -10.78
C ARG A 42 8.20 0.02 -12.01
N GLU A 43 7.26 0.08 -12.91
CA GLU A 43 7.41 0.88 -14.16
C GLU A 43 8.67 0.43 -14.93
N GLY A 44 9.12 1.25 -15.85
CA GLY A 44 10.35 0.89 -16.65
C GLY A 44 11.39 2.00 -16.48
N GLN A 45 11.36 2.70 -15.37
CA GLN A 45 12.33 3.82 -15.13
C GLN A 45 12.46 4.07 -13.61
N ALA A 1 32.37 19.97 14.62
CA ALA A 1 33.16 19.64 15.85
C ALA A 1 32.24 19.60 17.08
N LEU A 2 32.44 18.64 17.94
CA LEU A 2 31.58 18.52 19.19
C LEU A 2 30.10 18.45 18.79
N ALA A 3 29.76 17.66 17.80
CA ALA A 3 28.35 17.55 17.38
C ALA A 3 27.97 16.09 17.15
N ARG A 4 27.04 15.58 17.91
CA ARG A 4 26.61 14.16 17.75
C ARG A 4 25.28 13.95 18.45
N CYS A 5 24.39 13.19 17.85
CA CYS A 5 23.06 12.94 18.50
C CYS A 5 22.57 11.53 18.17
N PRO A 6 22.39 10.73 19.20
CA PRO A 6 21.93 9.35 19.02
C PRO A 6 20.43 9.29 18.67
N GLY A 7 19.60 9.95 19.44
CA GLY A 7 18.14 9.94 19.16
C GLY A 7 17.83 10.91 18.00
N CYS A 8 18.43 10.70 16.86
CA CYS A 8 18.17 11.61 15.70
C CYS A 8 17.47 10.88 14.57
N GLY A 9 17.13 9.62 14.74
CA GLY A 9 16.43 8.87 13.65
C GLY A 9 14.94 9.23 13.65
N GLN A 10 14.61 10.48 13.51
CA GLN A 10 13.18 10.91 13.49
C GLN A 10 13.09 12.44 13.29
N GLY A 11 13.60 13.20 14.22
CA GLY A 11 13.55 14.69 14.09
C GLY A 11 14.73 15.18 13.25
N VAL A 12 14.80 14.79 12.01
CA VAL A 12 15.92 15.24 11.14
C VAL A 12 15.44 15.41 9.69
N GLN A 13 14.72 14.44 9.16
CA GLN A 13 14.21 14.53 7.76
C GLN A 13 13.31 13.32 7.46
N ALA A 14 13.84 12.14 7.65
CA ALA A 14 13.03 10.90 7.39
C ALA A 14 12.84 10.10 8.69
N GLY A 15 12.18 8.97 8.62
CA GLY A 15 11.96 8.16 9.85
C GLY A 15 13.17 7.25 10.12
N CYS A 16 13.80 6.75 9.09
CA CYS A 16 14.99 5.87 9.29
C CYS A 16 16.25 6.57 8.76
N PRO A 17 17.30 6.55 9.56
CA PRO A 17 18.57 7.21 9.16
C PRO A 17 19.31 6.38 8.09
N GLY A 18 18.68 6.14 6.97
CA GLY A 18 19.34 5.35 5.88
C GLY A 18 18.98 3.87 6.01
N GLY A 19 17.96 3.44 5.33
CA GLY A 19 17.57 2.00 5.40
C GLY A 19 16.30 1.84 6.25
N CYS A 20 15.22 1.43 5.64
CA CYS A 20 13.93 1.25 6.39
C CYS A 20 13.41 -0.19 6.25
N VAL A 21 13.94 -0.96 5.33
CA VAL A 21 13.44 -2.37 5.16
C VAL A 21 14.05 -3.33 6.20
N GLU A 22 14.57 -2.82 7.29
CA GLU A 22 15.16 -3.71 8.32
C GLU A 22 14.07 -4.34 9.21
N GLU A 23 12.89 -3.76 9.23
CA GLU A 23 11.80 -4.33 10.08
C GLU A 23 10.46 -4.27 9.32
N GLU A 24 10.41 -4.83 8.13
CA GLU A 24 9.15 -4.84 7.31
C GLU A 24 8.56 -3.43 7.14
N ASP A 25 9.39 -2.41 7.10
CA ASP A 25 8.86 -1.01 6.93
C ASP A 25 9.17 -0.53 5.52
N GLY A 26 8.14 -0.30 4.74
CA GLY A 26 8.35 0.20 3.34
C GLY A 26 8.80 -0.94 2.43
N GLY A 27 9.87 -1.62 2.79
CA GLY A 27 10.38 -2.74 1.93
C GLY A 27 9.28 -3.78 1.72
N SER A 28 8.70 -4.28 2.78
CA SER A 28 7.63 -5.32 2.63
C SER A 28 6.28 -4.77 3.10
N PRO A 29 5.66 -3.96 2.27
CA PRO A 29 4.33 -3.38 2.62
C PRO A 29 3.22 -4.41 2.36
N ALA A 30 2.55 -4.85 3.40
CA ALA A 30 1.46 -5.85 3.21
C ALA A 30 0.20 -5.15 2.69
N GLU A 31 0.04 -3.89 2.99
CA GLU A 31 -1.16 -3.14 2.49
C GLU A 31 -0.97 -2.74 1.01
N GLY A 32 0.12 -3.11 0.39
CA GLY A 32 0.34 -2.75 -1.04
C GLY A 32 -0.01 -3.94 -1.94
N CYS A 33 -1.02 -4.69 -1.59
CA CYS A 33 -1.41 -5.86 -2.44
C CYS A 33 -2.85 -6.29 -2.12
N ALA A 34 -3.82 -5.44 -2.39
CA ALA A 34 -5.24 -5.82 -2.12
C ALA A 34 -5.75 -6.73 -3.23
N GLU A 35 -5.62 -6.31 -4.46
CA GLU A 35 -6.06 -7.17 -5.61
C GLU A 35 -4.93 -8.15 -5.98
N ALA A 36 -5.20 -9.11 -6.82
CA ALA A 36 -4.14 -10.08 -7.21
C ALA A 36 -3.23 -9.43 -8.25
N GLU A 37 -3.79 -8.75 -9.21
CA GLU A 37 -2.95 -8.09 -10.24
C GLU A 37 -2.40 -6.75 -9.71
N GLY A 38 -3.13 -6.12 -8.81
CA GLY A 38 -2.65 -4.81 -8.26
C GLY A 38 -1.50 -5.03 -7.29
N CYS A 39 -0.36 -5.40 -7.79
CA CYS A 39 0.82 -5.63 -6.92
C CYS A 39 2.11 -5.56 -7.74
N LEU A 40 2.14 -6.23 -8.88
CA LEU A 40 3.36 -6.21 -9.77
C LEU A 40 4.62 -6.63 -8.97
N ARG A 41 5.66 -5.81 -8.94
CA ARG A 41 6.91 -6.16 -8.20
C ARG A 41 7.45 -7.52 -8.66
N ARG A 42 7.53 -7.74 -9.95
CA ARG A 42 8.04 -9.04 -10.47
C ARG A 42 8.50 -8.88 -11.93
N GLU A 43 9.18 -7.79 -12.26
CA GLU A 43 9.68 -7.56 -13.65
C GLU A 43 8.56 -7.78 -14.68
N GLY A 44 7.69 -6.81 -14.84
CA GLY A 44 6.59 -6.93 -15.84
C GLY A 44 6.68 -5.79 -16.84
N GLN A 45 7.57 -5.89 -17.78
CA GLN A 45 7.73 -4.79 -18.80
C GLN A 45 6.91 -5.10 -20.06
N ALA A 1 -34.04 -8.46 32.90
CA ALA A 1 -33.37 -7.27 32.28
C ALA A 1 -34.39 -6.50 31.44
N LEU A 2 -33.95 -5.48 30.73
CA LEU A 2 -34.89 -4.70 29.89
C LEU A 2 -35.12 -5.40 28.54
N ALA A 3 -35.62 -4.69 27.56
CA ALA A 3 -35.87 -5.33 26.23
C ALA A 3 -34.55 -5.58 25.50
N ARG A 4 -33.82 -6.60 25.89
CA ARG A 4 -32.53 -6.92 25.22
C ARG A 4 -32.81 -7.77 23.96
N CYS A 5 -31.84 -8.52 23.50
CA CYS A 5 -32.07 -9.36 22.28
C CYS A 5 -32.01 -10.85 22.65
N PRO A 6 -33.13 -11.37 23.09
CA PRO A 6 -33.23 -12.79 23.49
C PRO A 6 -33.27 -13.70 22.24
N GLY A 7 -32.14 -13.89 21.60
CA GLY A 7 -32.11 -14.75 20.38
C GLY A 7 -32.75 -14.02 19.20
N CYS A 8 -32.51 -12.74 19.08
CA CYS A 8 -33.10 -11.97 17.94
C CYS A 8 -32.11 -11.95 16.76
N GLY A 9 -32.25 -11.01 15.85
CA GLY A 9 -31.30 -10.96 14.69
C GLY A 9 -29.98 -10.35 15.13
N GLN A 10 -29.82 -9.05 14.98
CA GLN A 10 -28.55 -8.39 15.40
C GLN A 10 -28.71 -6.86 15.35
N GLY A 11 -29.22 -6.28 16.40
CA GLY A 11 -29.41 -4.80 16.42
C GLY A 11 -28.07 -4.09 16.62
N VAL A 12 -27.13 -4.30 15.73
CA VAL A 12 -25.78 -3.66 15.87
C VAL A 12 -25.23 -3.33 14.47
N GLN A 13 -26.00 -2.65 13.66
CA GLN A 13 -25.54 -2.30 12.28
C GLN A 13 -24.24 -1.47 12.33
N ALA A 14 -24.25 -0.37 13.04
CA ALA A 14 -23.02 0.47 13.12
C ALA A 14 -22.08 -0.07 14.20
N GLY A 15 -21.53 -1.24 14.00
CA GLY A 15 -20.61 -1.83 15.02
C GLY A 15 -19.28 -1.08 15.00
N CYS A 16 -18.55 -1.21 13.94
CA CYS A 16 -17.23 -0.50 13.83
C CYS A 16 -17.15 0.31 12.53
N PRO A 17 -17.85 1.41 12.50
CA PRO A 17 -17.86 2.27 11.30
C PRO A 17 -16.49 2.93 11.11
N GLY A 18 -15.96 2.87 9.93
CA GLY A 18 -14.63 3.50 9.67
C GLY A 18 -13.52 2.42 9.67
N GLY A 19 -13.73 1.31 10.34
CA GLY A 19 -12.69 0.25 10.35
C GLY A 19 -13.02 -0.76 11.45
N CYS A 20 -12.86 -2.02 11.19
CA CYS A 20 -13.16 -3.06 12.21
C CYS A 20 -11.88 -3.85 12.54
N VAL A 21 -11.38 -3.72 13.74
CA VAL A 21 -10.13 -4.46 14.13
C VAL A 21 -10.47 -5.81 14.79
N GLU A 22 -11.42 -6.54 14.24
CA GLU A 22 -11.82 -7.85 14.83
C GLU A 22 -10.83 -8.95 14.43
N GLU A 23 -10.17 -8.81 13.30
CA GLU A 23 -9.19 -9.85 12.87
C GLU A 23 -8.27 -9.29 11.78
N GLU A 24 -7.02 -9.09 12.09
CA GLU A 24 -6.06 -8.56 11.07
C GLU A 24 -4.65 -9.12 11.34
N ASP A 25 -3.85 -9.21 10.31
CA ASP A 25 -2.46 -9.76 10.48
C ASP A 25 -1.46 -8.61 10.63
N GLY A 26 -1.46 -7.69 9.70
CA GLY A 26 -0.51 -6.54 9.76
C GLY A 26 -1.09 -5.38 8.95
N GLY A 27 -1.79 -4.49 9.60
CA GLY A 27 -2.40 -3.33 8.88
C GLY A 27 -1.33 -2.54 8.11
N SER A 28 -1.18 -2.81 6.84
CA SER A 28 -0.16 -2.08 6.02
C SER A 28 -0.51 -2.22 4.52
N PRO A 29 -0.44 -3.44 3.99
CA PRO A 29 -0.79 -3.65 2.57
C PRO A 29 -2.32 -3.68 2.39
N ALA A 30 -2.95 -2.54 2.51
CA ALA A 30 -4.44 -2.49 2.38
C ALA A 30 -4.87 -2.52 0.91
N GLU A 31 -4.52 -1.51 0.14
CA GLU A 31 -4.94 -1.48 -1.29
C GLU A 31 -3.71 -1.48 -2.23
N GLY A 32 -2.56 -1.05 -1.74
CA GLY A 32 -1.33 -1.01 -2.61
C GLY A 32 -1.10 -2.37 -3.28
N CYS A 33 -1.28 -3.44 -2.56
CA CYS A 33 -1.06 -4.79 -3.17
C CYS A 33 -1.98 -5.84 -2.52
N ALA A 34 -3.26 -5.66 -2.65
CA ALA A 34 -4.21 -6.65 -2.03
C ALA A 34 -5.42 -6.89 -2.97
N GLU A 35 -5.20 -6.85 -4.26
CA GLU A 35 -6.32 -7.08 -5.22
C GLU A 35 -6.11 -8.41 -5.95
N ALA A 36 -6.87 -8.66 -6.98
CA ALA A 36 -6.73 -9.95 -7.73
C ALA A 36 -5.52 -9.88 -8.67
N GLU A 37 -5.13 -8.70 -9.06
CA GLU A 37 -3.95 -8.56 -9.98
C GLU A 37 -2.65 -8.66 -9.17
N GLY A 38 -2.56 -7.97 -8.06
CA GLY A 38 -1.34 -8.04 -7.23
C GLY A 38 -0.54 -6.74 -7.38
N CYS A 39 0.62 -6.81 -7.98
CA CYS A 39 1.45 -5.57 -8.16
C CYS A 39 2.20 -5.62 -9.50
N LEU A 40 2.84 -6.73 -9.82
CA LEU A 40 3.60 -6.87 -11.11
C LEU A 40 4.41 -5.59 -11.43
N ARG A 41 5.00 -4.98 -10.43
CA ARG A 41 5.83 -3.75 -10.67
C ARG A 41 5.04 -2.66 -11.42
N ARG A 42 3.76 -2.55 -11.17
CA ARG A 42 2.92 -1.51 -11.87
C ARG A 42 3.47 -0.10 -11.61
N GLU A 43 4.02 0.13 -10.44
CA GLU A 43 4.57 1.49 -10.11
C GLU A 43 3.45 2.55 -10.09
N GLY A 44 3.79 3.80 -9.89
CA GLY A 44 2.75 4.87 -9.85
C GLY A 44 2.03 4.83 -8.50
N GLN A 45 2.76 4.74 -7.41
CA GLN A 45 2.12 4.70 -6.07
C GLN A 45 2.74 5.77 -5.15
N ALA A 1 28.55 -6.71 21.12
CA ALA A 1 29.78 -6.35 20.38
C ALA A 1 30.75 -7.53 20.39
N LEU A 2 31.54 -7.69 19.35
CA LEU A 2 32.52 -8.82 19.28
C LEU A 2 31.78 -10.17 19.39
N ALA A 3 32.51 -11.26 19.53
CA ALA A 3 31.86 -12.59 19.64
C ALA A 3 32.74 -13.55 20.47
N ARG A 4 33.69 -14.20 19.84
CA ARG A 4 34.59 -15.16 20.56
C ARG A 4 33.78 -16.11 21.46
N CYS A 5 32.63 -16.53 21.01
CA CYS A 5 31.81 -17.48 21.82
C CYS A 5 31.95 -18.90 21.25
N PRO A 6 32.47 -19.79 22.06
CA PRO A 6 32.68 -21.20 21.60
C PRO A 6 31.33 -21.95 21.45
N GLY A 7 30.52 -21.96 22.46
CA GLY A 7 29.22 -22.69 22.36
C GLY A 7 28.05 -21.72 22.28
N CYS A 8 28.02 -20.86 21.29
CA CYS A 8 26.88 -19.90 21.17
C CYS A 8 25.99 -20.25 19.96
N GLY A 9 26.58 -20.74 18.89
CA GLY A 9 25.79 -21.12 17.67
C GLY A 9 24.81 -20.00 17.26
N GLN A 10 25.17 -18.76 17.49
CA GLN A 10 24.26 -17.62 17.11
C GLN A 10 22.83 -17.85 17.63
N GLY A 11 22.70 -18.30 18.86
CA GLY A 11 21.34 -18.55 19.45
C GLY A 11 20.41 -17.36 19.19
N VAL A 12 20.85 -16.16 19.50
CA VAL A 12 19.99 -14.97 19.28
C VAL A 12 20.78 -13.91 18.48
N GLN A 13 21.31 -14.29 17.35
CA GLN A 13 22.09 -13.32 16.51
C GLN A 13 21.15 -12.28 15.89
N ALA A 14 21.58 -11.05 15.79
CA ALA A 14 20.72 -9.99 15.19
C ALA A 14 21.46 -9.34 14.00
N GLY A 15 20.79 -9.20 12.88
CA GLY A 15 21.44 -8.57 11.70
C GLY A 15 21.57 -7.07 11.92
N CYS A 16 20.50 -6.41 12.22
CA CYS A 16 20.54 -4.92 12.45
C CYS A 16 20.21 -4.60 13.92
N PRO A 17 21.13 -3.95 14.58
CA PRO A 17 20.92 -3.59 16.01
C PRO A 17 19.87 -2.46 16.15
N GLY A 18 18.62 -2.78 15.99
CA GLY A 18 17.55 -1.74 16.11
C GLY A 18 16.67 -1.77 14.86
N GLY A 19 17.26 -1.82 13.70
CA GLY A 19 16.46 -1.83 12.45
C GLY A 19 17.35 -1.43 11.27
N CYS A 20 17.09 -1.98 10.12
CA CYS A 20 17.92 -1.64 8.92
C CYS A 20 17.12 -0.73 7.98
N VAL A 21 17.75 -0.22 6.96
CA VAL A 21 17.03 0.67 6.01
C VAL A 21 16.18 -0.17 5.05
N GLU A 22 15.24 -0.91 5.58
CA GLU A 22 14.38 -1.77 4.72
C GLU A 22 12.91 -1.55 5.08
N GLU A 23 12.54 -0.34 5.40
CA GLU A 23 11.12 -0.06 5.79
C GLU A 23 10.19 -0.22 4.58
N GLU A 24 8.90 -0.26 4.83
CA GLU A 24 7.92 -0.45 3.72
C GLU A 24 7.83 0.81 2.85
N ASP A 25 7.36 0.66 1.64
CA ASP A 25 7.22 1.81 0.72
C ASP A 25 5.94 2.58 1.06
N GLY A 26 4.80 1.99 0.88
CA GLY A 26 3.52 2.69 1.20
C GLY A 26 2.34 1.82 0.77
N GLY A 27 1.92 0.89 1.61
CA GLY A 27 0.78 0.01 1.25
C GLY A 27 0.96 -1.35 1.92
N SER A 28 -0.03 -1.83 2.62
CA SER A 28 0.10 -3.15 3.31
C SER A 28 -0.44 -4.28 2.41
N PRO A 29 0.12 -5.46 2.57
CA PRO A 29 -0.31 -6.64 1.77
C PRO A 29 -1.61 -7.26 2.33
N ALA A 30 -2.31 -6.57 3.19
CA ALA A 30 -3.57 -7.12 3.76
C ALA A 30 -4.72 -6.12 3.59
N GLU A 31 -4.54 -5.13 2.74
CA GLU A 31 -5.61 -4.11 2.53
C GLU A 31 -5.37 -3.40 1.19
N GLY A 32 -4.42 -2.50 1.15
CA GLY A 32 -4.14 -1.77 -0.13
C GLY A 32 -3.60 -2.76 -1.17
N CYS A 33 -2.52 -3.44 -0.86
CA CYS A 33 -1.95 -4.43 -1.82
C CYS A 33 -2.62 -5.79 -1.65
N ALA A 34 -3.85 -5.90 -2.10
CA ALA A 34 -4.59 -7.19 -1.97
C ALA A 34 -5.54 -7.37 -3.15
N GLU A 35 -5.06 -7.18 -4.35
CA GLU A 35 -5.94 -7.33 -5.56
C GLU A 35 -5.57 -8.60 -6.34
N ALA A 36 -6.19 -8.81 -7.49
CA ALA A 36 -5.87 -10.02 -8.31
C ALA A 36 -4.73 -9.76 -9.29
N GLU A 37 -4.21 -8.56 -9.32
CA GLU A 37 -3.09 -8.25 -10.26
C GLU A 37 -1.83 -7.84 -9.49
N GLY A 38 -1.64 -8.37 -8.31
CA GLY A 38 -0.44 -8.02 -7.50
C GLY A 38 -0.51 -6.57 -7.07
N CYS A 39 0.43 -5.76 -7.48
CA CYS A 39 0.41 -4.31 -7.08
C CYS A 39 1.13 -3.44 -8.12
N LEU A 40 1.22 -3.88 -9.36
CA LEU A 40 1.89 -3.04 -10.39
C LEU A 40 1.14 -3.14 -11.72
N ARG A 41 1.54 -2.34 -12.70
CA ARG A 41 0.86 -2.35 -14.04
C ARG A 41 -0.67 -2.32 -13.89
N ARG A 42 -1.18 -1.60 -12.92
CA ARG A 42 -2.65 -1.52 -12.73
C ARG A 42 -3.22 -0.29 -13.44
N GLU A 43 -2.87 -0.10 -14.69
CA GLU A 43 -3.37 1.07 -15.44
C GLU A 43 -3.74 0.65 -16.87
N GLY A 44 -4.61 1.39 -17.49
CA GLY A 44 -5.02 1.05 -18.90
C GLY A 44 -5.51 2.32 -19.61
N GLN A 45 -4.82 3.42 -19.41
CA GLN A 45 -5.23 4.69 -20.07
C GLN A 45 -4.04 5.67 -20.09
N ALA A 1 -31.14 -37.84 17.48
CA ALA A 1 -29.81 -38.37 17.88
C ALA A 1 -29.67 -39.81 17.40
N LEU A 2 -28.46 -40.24 17.10
CA LEU A 2 -28.23 -41.66 16.62
C LEU A 2 -29.02 -41.95 15.34
N ALA A 3 -28.47 -41.58 14.20
CA ALA A 3 -29.14 -41.83 12.89
C ALA A 3 -30.49 -41.08 12.79
N ARG A 4 -31.15 -41.18 11.67
CA ARG A 4 -32.47 -40.50 11.47
C ARG A 4 -33.03 -40.82 10.08
N CYS A 5 -32.30 -40.51 9.04
CA CYS A 5 -32.80 -40.80 7.67
C CYS A 5 -31.68 -41.43 6.83
N PRO A 6 -31.59 -42.73 6.94
CA PRO A 6 -30.58 -43.52 6.20
C PRO A 6 -30.82 -43.48 4.69
N GLY A 7 -30.15 -42.61 3.98
CA GLY A 7 -30.32 -42.53 2.51
C GLY A 7 -31.44 -41.54 2.14
N CYS A 8 -31.90 -40.73 3.04
CA CYS A 8 -32.98 -39.75 2.70
C CYS A 8 -32.76 -38.44 3.44
N GLY A 9 -33.53 -37.42 3.13
CA GLY A 9 -33.35 -36.10 3.80
C GLY A 9 -32.49 -35.20 2.91
N GLN A 10 -33.00 -34.06 2.53
CA GLN A 10 -32.22 -33.14 1.65
C GLN A 10 -31.22 -32.31 2.48
N GLY A 11 -30.46 -32.95 3.32
CA GLY A 11 -29.46 -32.19 4.15
C GLY A 11 -28.12 -32.18 3.41
N VAL A 12 -28.09 -31.65 2.21
CA VAL A 12 -26.82 -31.62 1.43
C VAL A 12 -26.58 -30.20 0.88
N GLN A 13 -26.42 -29.24 1.75
CA GLN A 13 -26.18 -27.85 1.31
C GLN A 13 -24.85 -27.34 1.85
N ALA A 14 -23.84 -27.30 1.01
CA ALA A 14 -22.50 -26.82 1.46
C ALA A 14 -21.93 -25.86 0.42
N GLY A 15 -21.48 -26.37 -0.69
CA GLY A 15 -20.89 -25.48 -1.75
C GLY A 15 -19.62 -26.12 -2.32
N CYS A 16 -18.66 -26.37 -1.47
CA CYS A 16 -17.39 -26.99 -1.96
C CYS A 16 -17.58 -28.50 -2.14
N PRO A 17 -16.89 -29.07 -3.09
CA PRO A 17 -17.00 -30.54 -3.35
C PRO A 17 -16.46 -31.37 -2.19
N GLY A 18 -15.54 -30.82 -1.43
CA GLY A 18 -14.97 -31.57 -0.26
C GLY A 18 -13.84 -30.77 0.35
N GLY A 19 -14.16 -29.87 1.24
CA GLY A 19 -13.10 -29.03 1.88
C GLY A 19 -12.94 -27.72 1.12
N CYS A 20 -12.71 -26.65 1.82
CA CYS A 20 -12.54 -25.32 1.14
C CYS A 20 -11.46 -24.52 1.86
N VAL A 21 -10.34 -24.33 1.23
CA VAL A 21 -9.23 -23.57 1.87
C VAL A 21 -9.22 -22.11 1.36
N GLU A 22 -10.37 -21.48 1.33
CA GLU A 22 -10.44 -20.07 0.85
C GLU A 22 -10.20 -19.09 2.02
N GLU A 23 -10.47 -19.51 3.24
CA GLU A 23 -10.26 -18.64 4.44
C GLU A 23 -11.10 -17.35 4.34
N GLU A 24 -10.73 -16.34 5.07
CA GLU A 24 -11.49 -15.06 5.05
C GLU A 24 -10.56 -13.89 4.69
N ASP A 25 -10.90 -12.70 5.12
CA ASP A 25 -10.03 -11.52 4.80
C ASP A 25 -8.91 -11.41 5.84
N GLY A 26 -7.74 -11.00 5.42
CA GLY A 26 -6.61 -10.83 6.38
C GLY A 26 -6.89 -9.64 7.31
N GLY A 27 -7.80 -8.78 6.95
CA GLY A 27 -8.12 -7.61 7.81
C GLY A 27 -7.76 -6.32 7.06
N SER A 28 -6.70 -5.67 7.46
CA SER A 28 -6.29 -4.40 6.76
C SER A 28 -4.94 -4.63 6.04
N PRO A 29 -5.03 -5.03 4.79
CA PRO A 29 -3.80 -5.28 3.99
C PRO A 29 -3.12 -3.96 3.60
N ALA A 30 -1.90 -3.74 4.04
CA ALA A 30 -1.18 -2.49 3.69
C ALA A 30 0.13 -2.81 2.96
N GLU A 31 0.15 -3.84 2.15
CA GLU A 31 1.39 -4.19 1.42
C GLU A 31 1.45 -3.42 0.09
N GLY A 32 0.32 -3.15 -0.50
CA GLY A 32 0.30 -2.39 -1.78
C GLY A 32 -0.70 -3.03 -2.75
N CYS A 33 -0.66 -4.32 -2.90
CA CYS A 33 -1.61 -4.99 -3.84
C CYS A 33 -2.59 -5.88 -3.07
N ALA A 34 -3.74 -5.36 -2.71
CA ALA A 34 -4.75 -6.19 -1.97
C ALA A 34 -5.79 -6.74 -2.96
N GLU A 35 -5.36 -7.10 -4.14
CA GLU A 35 -6.30 -7.65 -5.17
C GLU A 35 -5.65 -8.86 -5.86
N ALA A 36 -6.33 -9.45 -6.82
CA ALA A 36 -5.74 -10.62 -7.53
C ALA A 36 -4.89 -10.16 -8.72
N GLU A 37 -4.22 -9.06 -8.60
CA GLU A 37 -3.38 -8.58 -9.74
C GLU A 37 -2.07 -9.36 -9.78
N GLY A 38 -1.61 -9.87 -8.67
CA GLY A 38 -0.34 -10.65 -8.66
C GLY A 38 0.82 -9.70 -8.89
N CYS A 39 1.12 -8.88 -7.94
CA CYS A 39 2.25 -7.92 -8.08
C CYS A 39 3.48 -8.44 -7.35
N LEU A 40 4.50 -8.84 -8.08
CA LEU A 40 5.73 -9.36 -7.42
C LEU A 40 6.99 -8.66 -7.95
N ARG A 41 7.30 -8.82 -9.22
CA ARG A 41 8.50 -8.16 -9.78
C ARG A 41 8.35 -7.99 -11.30
N ARG A 42 9.41 -8.15 -12.05
CA ARG A 42 9.30 -8.00 -13.54
C ARG A 42 8.62 -9.20 -14.21
N GLU A 43 7.92 -10.03 -13.48
CA GLU A 43 7.24 -11.21 -14.11
C GLU A 43 5.96 -10.74 -14.82
N GLY A 44 6.10 -10.11 -15.96
CA GLY A 44 4.89 -9.62 -16.69
C GLY A 44 4.30 -10.72 -17.57
N GLN A 45 3.69 -11.70 -16.96
CA GLN A 45 3.08 -12.82 -17.75
C GLN A 45 1.77 -13.30 -17.07
N ALA A 1 19.08 40.73 -6.72
CA ALA A 1 20.26 40.42 -5.85
C ALA A 1 19.86 40.48 -4.37
N LEU A 2 20.00 39.39 -3.66
CA LEU A 2 19.64 39.38 -2.20
C LEU A 2 20.20 38.12 -1.54
N ALA A 3 19.85 36.97 -2.04
CA ALA A 3 20.37 35.70 -1.44
C ALA A 3 21.86 35.57 -1.74
N ARG A 4 22.68 35.55 -0.73
CA ARG A 4 24.15 35.42 -0.94
C ARG A 4 24.83 34.88 0.32
N CYS A 5 24.70 33.60 0.58
CA CYS A 5 25.33 32.99 1.78
C CYS A 5 25.81 31.57 1.44
N PRO A 6 27.11 31.44 1.30
CA PRO A 6 27.72 30.13 0.96
C PRO A 6 27.88 29.23 2.20
N GLY A 7 28.18 29.78 3.34
CA GLY A 7 28.39 28.93 4.54
C GLY A 7 27.09 28.71 5.33
N CYS A 8 26.04 28.25 4.69
CA CYS A 8 24.77 28.01 5.44
C CYS A 8 23.85 27.08 4.64
N GLY A 9 22.85 26.50 5.28
CA GLY A 9 21.93 25.58 4.57
C GLY A 9 22.64 24.28 4.23
N GLN A 10 23.05 23.53 5.23
CA GLN A 10 23.78 22.25 4.98
C GLN A 10 23.41 21.20 6.05
N GLY A 11 22.23 21.28 6.63
CA GLY A 11 21.84 20.28 7.66
C GLY A 11 20.37 19.92 7.49
N VAL A 12 20.03 19.34 6.37
CA VAL A 12 18.60 18.95 6.13
C VAL A 12 18.43 17.43 6.06
N GLN A 13 19.48 16.65 6.26
CA GLN A 13 19.35 15.17 6.20
C GLN A 13 18.21 14.69 7.12
N ALA A 14 18.15 15.20 8.32
CA ALA A 14 17.06 14.79 9.26
C ALA A 14 16.09 15.96 9.49
N GLY A 15 15.98 16.85 8.54
CA GLY A 15 15.04 18.01 8.70
C GLY A 15 14.14 18.08 7.48
N CYS A 16 13.28 17.12 7.31
CA CYS A 16 12.37 17.14 6.12
C CYS A 16 11.02 17.77 6.50
N PRO A 17 10.38 18.38 5.52
CA PRO A 17 9.05 19.02 5.75
C PRO A 17 7.95 17.95 5.87
N GLY A 18 8.03 16.93 5.05
CA GLY A 18 7.01 15.84 5.09
C GLY A 18 7.50 14.65 4.27
N GLY A 19 8.63 14.11 4.65
CA GLY A 19 9.19 12.95 3.89
C GLY A 19 10.72 13.11 3.81
N CYS A 20 11.45 12.09 4.11
CA CYS A 20 12.95 12.18 4.06
C CYS A 20 13.51 10.94 3.33
N VAL A 21 14.77 10.95 3.01
CA VAL A 21 15.38 9.77 2.30
C VAL A 21 15.72 8.63 3.28
N GLU A 22 14.76 8.24 4.09
CA GLU A 22 14.99 7.13 5.04
C GLU A 22 14.20 5.91 4.57
N GLU A 23 14.35 5.54 3.32
CA GLU A 23 13.58 4.39 2.75
C GLU A 23 12.09 4.60 3.02
N GLU A 24 11.55 5.69 2.52
CA GLU A 24 10.10 6.02 2.73
C GLU A 24 9.16 4.93 2.14
N ASP A 25 9.69 3.95 1.45
CA ASP A 25 8.82 2.89 0.87
C ASP A 25 8.39 1.90 1.96
N GLY A 26 9.14 1.77 3.03
CA GLY A 26 8.75 0.82 4.11
C GLY A 26 9.34 -0.56 3.81
N GLY A 27 9.12 -1.09 2.64
CA GLY A 27 9.67 -2.43 2.31
C GLY A 27 9.33 -2.79 0.85
N SER A 28 8.98 -4.03 0.61
CA SER A 28 8.65 -4.44 -0.79
C SER A 28 7.70 -5.66 -0.79
N PRO A 29 8.17 -6.79 -0.29
CA PRO A 29 7.33 -8.01 -0.25
C PRO A 29 6.17 -7.87 0.74
N ALA A 30 6.37 -7.12 1.81
CA ALA A 30 5.29 -6.94 2.82
C ALA A 30 4.55 -5.61 2.61
N GLU A 31 4.06 -5.38 1.42
CA GLU A 31 3.33 -4.11 1.14
C GLU A 31 1.85 -4.24 1.56
N GLY A 32 1.23 -5.36 1.28
CA GLY A 32 -0.21 -5.53 1.66
C GLY A 32 -1.11 -5.19 0.47
N CYS A 33 -0.86 -5.79 -0.66
CA CYS A 33 -1.70 -5.50 -1.86
C CYS A 33 -3.01 -6.29 -1.77
N ALA A 34 -4.13 -5.62 -1.74
CA ALA A 34 -5.44 -6.33 -1.65
C ALA A 34 -5.86 -6.87 -3.03
N GLU A 35 -5.44 -6.21 -4.08
CA GLU A 35 -5.81 -6.66 -5.45
C GLU A 35 -4.95 -7.85 -5.89
N ALA A 36 -5.46 -8.66 -6.76
CA ALA A 36 -4.68 -9.85 -7.22
C ALA A 36 -3.86 -9.52 -8.48
N GLU A 37 -4.43 -8.81 -9.41
CA GLU A 37 -3.67 -8.48 -10.66
C GLU A 37 -2.66 -7.37 -10.42
N GLY A 38 -2.90 -6.51 -9.45
CA GLY A 38 -1.96 -5.37 -9.18
C GLY A 38 -0.64 -5.88 -8.59
N CYS A 39 -0.66 -6.94 -7.81
CA CYS A 39 0.62 -7.43 -7.19
C CYS A 39 0.79 -8.96 -7.28
N LEU A 40 -0.28 -9.72 -7.23
CA LEU A 40 -0.14 -11.21 -7.29
C LEU A 40 0.21 -11.69 -8.71
N ARG A 41 1.35 -11.32 -9.22
CA ARG A 41 1.76 -11.75 -10.58
C ARG A 41 3.02 -12.64 -10.50
N ARG A 42 2.89 -13.81 -9.93
CA ARG A 42 4.05 -14.74 -9.81
C ARG A 42 3.57 -16.19 -10.02
N GLU A 43 2.72 -16.39 -11.00
CA GLU A 43 2.19 -17.77 -11.27
C GLU A 43 3.29 -18.66 -11.85
N GLY A 44 3.27 -19.91 -11.53
CA GLY A 44 4.32 -20.86 -12.04
C GLY A 44 4.02 -21.22 -13.50
N GLN A 45 3.95 -20.24 -14.38
CA GLN A 45 3.68 -20.54 -15.81
C GLN A 45 4.82 -19.98 -16.69
N ALA A 1 -14.56 38.18 -3.49
CA ALA A 1 -13.36 38.69 -2.76
C ALA A 1 -12.28 39.11 -3.78
N LEU A 2 -11.24 39.76 -3.32
CA LEU A 2 -10.15 40.19 -4.25
C LEU A 2 -8.81 40.25 -3.53
N ALA A 3 -8.38 39.14 -2.95
CA ALA A 3 -7.08 39.13 -2.22
C ALA A 3 -6.01 38.43 -3.07
N ARG A 4 -5.23 39.19 -3.80
CA ARG A 4 -4.17 38.56 -4.65
C ARG A 4 -3.21 37.73 -3.79
N CYS A 5 -3.32 36.43 -3.87
CA CYS A 5 -2.43 35.54 -3.05
C CYS A 5 -1.72 34.53 -3.95
N PRO A 6 -0.46 34.27 -3.63
CA PRO A 6 0.36 33.32 -4.43
C PRO A 6 0.01 31.86 -4.08
N GLY A 7 -0.61 31.15 -5.00
CA GLY A 7 -0.97 29.72 -4.75
C GLY A 7 -1.64 29.54 -3.39
N CYS A 8 -2.68 30.28 -3.11
CA CYS A 8 -3.37 30.13 -1.80
C CYS A 8 -4.77 29.54 -2.01
N GLY A 9 -5.58 29.48 -0.97
CA GLY A 9 -6.96 28.91 -1.12
C GLY A 9 -6.94 27.44 -0.71
N GLN A 10 -6.15 27.09 0.31
CA GLN A 10 -6.07 25.68 0.81
C GLN A 10 -6.38 24.65 -0.28
N GLY A 11 -5.69 24.71 -1.40
CA GLY A 11 -5.94 23.74 -2.50
C GLY A 11 -4.61 23.24 -3.07
N VAL A 12 -3.73 22.76 -2.22
CA VAL A 12 -2.40 22.27 -2.69
C VAL A 12 -2.32 20.74 -2.61
N GLN A 13 -3.35 20.08 -2.13
CA GLN A 13 -3.31 18.60 -2.02
C GLN A 13 -3.53 17.96 -3.39
N ALA A 14 -2.51 17.93 -4.21
CA ALA A 14 -2.63 17.32 -5.57
C ALA A 14 -1.68 16.12 -5.71
N GLY A 15 -1.74 15.41 -6.80
CA GLY A 15 -0.84 14.24 -7.01
C GLY A 15 -0.41 14.16 -8.47
N CYS A 16 -1.11 13.38 -9.26
CA CYS A 16 -0.75 13.27 -10.71
C CYS A 16 -1.48 14.34 -11.51
N PRO A 17 -0.88 14.76 -12.61
CA PRO A 17 -1.50 15.80 -13.47
C PRO A 17 -2.66 15.22 -14.29
N GLY A 18 -3.66 14.68 -13.64
CA GLY A 18 -4.82 14.09 -14.38
C GLY A 18 -4.40 12.81 -15.11
N GLY A 19 -3.23 12.28 -14.82
CA GLY A 19 -2.78 11.04 -15.51
C GLY A 19 -1.91 10.22 -14.55
N CYS A 20 -2.36 9.07 -14.16
CA CYS A 20 -1.55 8.22 -13.22
C CYS A 20 -1.90 6.75 -13.41
N VAL A 21 -0.92 5.88 -13.31
CA VAL A 21 -1.19 4.42 -13.50
C VAL A 21 -0.21 3.58 -12.66
N GLU A 22 0.01 3.98 -11.43
CA GLU A 22 0.94 3.23 -10.54
C GLU A 22 0.18 2.54 -9.40
N GLU A 23 -1.08 2.91 -9.17
CA GLU A 23 -1.89 2.28 -8.07
C GLU A 23 -1.21 2.49 -6.71
N GLU A 24 -1.46 3.61 -6.08
CA GLU A 24 -0.83 3.87 -4.75
C GLU A 24 -1.57 3.13 -3.62
N ASP A 25 -1.80 1.85 -3.77
CA ASP A 25 -2.50 1.09 -2.70
C ASP A 25 -1.55 0.05 -2.10
N GLY A 26 -0.55 0.49 -1.38
CA GLY A 26 0.41 -0.46 -0.75
C GLY A 26 1.71 0.27 -0.41
N GLY A 27 2.63 0.33 -1.34
CA GLY A 27 3.92 1.03 -1.07
C GLY A 27 5.08 0.06 -1.27
N SER A 28 5.06 -1.04 -0.57
CA SER A 28 6.17 -2.04 -0.72
C SER A 28 5.58 -3.42 -1.05
N PRO A 29 6.41 -4.28 -1.61
CA PRO A 29 5.95 -5.66 -1.96
C PRO A 29 5.61 -6.47 -0.71
N ALA A 30 6.24 -6.18 0.39
CA ALA A 30 5.92 -6.92 1.65
C ALA A 30 4.90 -6.12 2.49
N GLU A 31 4.25 -5.15 1.91
CA GLU A 31 3.27 -4.33 2.67
C GLU A 31 1.94 -5.07 2.82
N GLY A 32 1.40 -5.55 1.73
CA GLY A 32 0.11 -6.27 1.79
C GLY A 32 -0.81 -5.72 0.69
N CYS A 33 -0.74 -6.26 -0.50
CA CYS A 33 -1.60 -5.76 -1.62
C CYS A 33 -3.02 -6.31 -1.47
N ALA A 34 -4.00 -5.44 -1.47
CA ALA A 34 -5.41 -5.91 -1.35
C ALA A 34 -5.91 -6.42 -2.72
N GLU A 35 -5.22 -6.07 -3.78
CA GLU A 35 -5.66 -6.54 -5.13
C GLU A 35 -4.74 -7.67 -5.61
N ALA A 36 -5.14 -8.39 -6.63
CA ALA A 36 -4.30 -9.50 -7.16
C ALA A 36 -3.57 -9.08 -8.45
N GLU A 37 -4.12 -8.14 -9.19
CA GLU A 37 -3.46 -7.71 -10.46
C GLU A 37 -2.30 -6.73 -10.16
N GLY A 38 -2.42 -5.95 -9.12
CA GLY A 38 -1.34 -4.98 -8.79
C GLY A 38 -0.15 -5.71 -8.15
N CYS A 39 -0.39 -6.72 -7.35
CA CYS A 39 0.76 -7.45 -6.72
C CYS A 39 1.12 -8.72 -7.51
N LEU A 40 0.17 -9.32 -8.21
CA LEU A 40 0.46 -10.57 -8.99
C LEU A 40 0.93 -11.69 -8.05
N ARG A 41 1.41 -12.78 -8.61
CA ARG A 41 1.90 -13.91 -7.78
C ARG A 41 3.35 -14.26 -8.17
N ARG A 42 4.30 -13.54 -7.64
CA ARG A 42 5.74 -13.79 -7.97
C ARG A 42 6.41 -14.61 -6.86
N GLU A 43 6.07 -14.33 -5.62
CA GLU A 43 6.69 -15.07 -4.47
C GLU A 43 8.23 -14.96 -4.50
N GLY A 44 8.90 -15.75 -3.71
CA GLY A 44 10.38 -15.72 -3.68
C GLY A 44 10.91 -16.68 -2.59
N GLN A 45 10.53 -16.48 -1.36
CA GLN A 45 11.01 -17.39 -0.26
C GLN A 45 9.91 -17.56 0.80
N ALA A 1 -2.02 20.47 -18.82
CA ALA A 1 -2.61 21.84 -18.87
C ALA A 1 -2.86 22.27 -20.32
N LEU A 2 -4.07 22.66 -20.64
CA LEU A 2 -4.37 23.10 -22.04
C LEU A 2 -5.68 23.91 -22.09
N ALA A 3 -6.00 24.61 -21.03
CA ALA A 3 -7.26 25.44 -20.99
C ALA A 3 -8.47 24.60 -21.44
N ARG A 4 -9.50 25.24 -21.96
CA ARG A 4 -10.71 24.51 -22.43
C ARG A 4 -11.26 23.61 -21.30
N CYS A 5 -11.81 22.47 -21.65
CA CYS A 5 -12.36 21.56 -20.61
C CYS A 5 -11.86 20.12 -20.85
N PRO A 6 -11.41 19.50 -19.79
CA PRO A 6 -10.90 18.10 -19.90
C PRO A 6 -12.05 17.09 -20.06
N GLY A 7 -13.01 17.11 -19.18
CA GLY A 7 -14.14 16.14 -19.27
C GLY A 7 -15.22 16.69 -20.19
N CYS A 8 -14.90 16.95 -21.43
CA CYS A 8 -15.94 17.48 -22.38
C CYS A 8 -16.37 16.38 -23.37
N GLY A 9 -16.11 15.14 -23.05
CA GLY A 9 -16.51 14.03 -23.98
C GLY A 9 -15.27 13.47 -24.69
N GLN A 10 -14.29 13.04 -23.94
CA GLN A 10 -13.05 12.47 -24.56
C GLN A 10 -12.27 11.65 -23.52
N GLY A 11 -12.94 10.78 -22.81
CA GLY A 11 -12.24 9.94 -21.80
C GLY A 11 -11.85 8.59 -22.42
N VAL A 12 -10.95 8.60 -23.37
CA VAL A 12 -10.53 7.32 -24.02
C VAL A 12 -9.01 7.10 -23.89
N GLN A 13 -8.26 8.14 -23.63
CA GLN A 13 -6.78 7.98 -23.50
C GLN A 13 -6.42 7.47 -22.08
N ALA A 14 -5.31 7.92 -21.53
CA ALA A 14 -4.88 7.47 -20.16
C ALA A 14 -4.71 5.95 -20.15
N GLY A 15 -4.82 5.33 -19.01
CA GLY A 15 -4.66 3.85 -18.95
C GLY A 15 -6.03 3.19 -19.11
N CYS A 16 -6.84 3.66 -20.03
CA CYS A 16 -8.18 3.06 -20.24
C CYS A 16 -8.33 2.50 -21.66
N PRO A 17 -7.57 1.46 -21.95
CA PRO A 17 -7.63 0.85 -23.30
C PRO A 17 -8.95 0.08 -23.49
N GLY A 18 -10.05 0.79 -23.58
CA GLY A 18 -11.38 0.10 -23.76
C GLY A 18 -12.17 0.14 -22.44
N GLY A 19 -11.53 0.45 -21.33
CA GLY A 19 -12.25 0.51 -20.04
C GLY A 19 -11.53 1.46 -19.10
N CYS A 20 -12.22 2.45 -18.60
CA CYS A 20 -11.57 3.42 -17.66
C CYS A 20 -12.09 3.20 -16.23
N VAL A 21 -12.14 1.96 -15.78
CA VAL A 21 -12.65 1.69 -14.40
C VAL A 21 -11.75 0.67 -13.66
N GLU A 22 -10.53 0.52 -14.09
CA GLU A 22 -9.61 -0.43 -13.41
C GLU A 22 -8.65 0.35 -12.48
N GLU A 23 -8.60 1.65 -12.61
CA GLU A 23 -7.70 2.47 -11.75
C GLU A 23 -8.37 3.83 -11.45
N GLU A 24 -9.34 3.84 -10.58
CA GLU A 24 -10.05 5.13 -10.25
C GLU A 24 -9.04 6.19 -9.78
N ASP A 25 -8.30 5.92 -8.73
CA ASP A 25 -7.31 6.91 -8.24
C ASP A 25 -6.12 6.20 -7.59
N GLY A 26 -6.36 5.44 -6.54
CA GLY A 26 -5.25 4.72 -5.86
C GLY A 26 -5.36 4.92 -4.34
N GLY A 27 -6.14 4.09 -3.68
CA GLY A 27 -6.31 4.23 -2.21
C GLY A 27 -7.51 3.41 -1.76
N SER A 28 -7.28 2.20 -1.31
CA SER A 28 -8.43 1.35 -0.86
C SER A 28 -7.95 0.30 0.17
N PRO A 29 -7.07 -0.59 -0.24
CA PRO A 29 -6.57 -1.63 0.70
C PRO A 29 -5.57 -1.03 1.69
N ALA A 30 -5.81 -1.16 2.96
CA ALA A 30 -4.88 -0.59 3.98
C ALA A 30 -3.63 -1.48 4.16
N GLU A 31 -3.64 -2.65 3.58
CA GLU A 31 -2.46 -3.57 3.71
C GLU A 31 -1.37 -3.14 2.72
N GLY A 32 -1.71 -3.09 1.47
CA GLY A 32 -0.71 -2.68 0.43
C GLY A 32 -1.31 -2.91 -0.96
N CYS A 33 -1.57 -4.14 -1.31
CA CYS A 33 -2.16 -4.43 -2.65
C CYS A 33 -3.06 -5.67 -2.55
N ALA A 34 -4.31 -5.47 -2.23
CA ALA A 34 -5.25 -6.64 -2.10
C ALA A 34 -5.86 -7.00 -3.46
N GLU A 35 -5.09 -6.94 -4.51
CA GLU A 35 -5.63 -7.28 -5.86
C GLU A 35 -4.97 -8.56 -6.40
N ALA A 36 -5.56 -9.17 -7.38
CA ALA A 36 -4.99 -10.44 -7.95
C ALA A 36 -4.26 -10.20 -9.28
N GLU A 37 -4.20 -8.99 -9.77
CA GLU A 37 -3.52 -8.75 -11.08
C GLU A 37 -1.98 -8.70 -10.90
N GLY A 38 -1.50 -8.31 -9.75
CA GLY A 38 -0.01 -8.22 -9.58
C GLY A 38 0.45 -8.88 -8.28
N CYS A 39 -0.18 -8.60 -7.17
CA CYS A 39 0.26 -9.19 -5.87
C CYS A 39 -0.22 -10.63 -5.70
N LEU A 40 -0.93 -11.18 -6.66
CA LEU A 40 -1.40 -12.59 -6.52
C LEU A 40 -0.23 -13.57 -6.76
N ARG A 41 0.83 -13.42 -6.02
CA ARG A 41 2.01 -14.33 -6.19
C ARG A 41 3.10 -13.99 -5.16
N ARG A 42 2.73 -13.75 -3.93
CA ARG A 42 3.74 -13.44 -2.87
C ARG A 42 3.63 -14.42 -1.69
N GLU A 43 2.83 -15.45 -1.81
CA GLU A 43 2.72 -16.43 -0.69
C GLU A 43 3.92 -17.40 -0.72
N GLY A 44 5.11 -16.89 -0.52
CA GLY A 44 6.31 -17.77 -0.54
C GLY A 44 7.45 -17.05 0.20
N GLN A 45 7.36 -16.96 1.50
CA GLN A 45 8.43 -16.27 2.29
C GLN A 45 9.22 -17.29 3.12
N ALA A 1 -34.93 -28.08 -0.82
CA ALA A 1 -34.65 -27.46 -2.15
C ALA A 1 -35.64 -27.95 -3.19
N LEU A 2 -36.67 -27.18 -3.48
CA LEU A 2 -37.68 -27.61 -4.49
C LEU A 2 -38.63 -26.44 -4.81
N ALA A 3 -38.31 -25.65 -5.79
CA ALA A 3 -39.19 -24.50 -6.15
C ALA A 3 -38.83 -23.97 -7.55
N ARG A 4 -39.78 -23.96 -8.45
CA ARG A 4 -39.50 -23.48 -9.83
C ARG A 4 -39.76 -21.97 -9.92
N CYS A 5 -38.76 -21.18 -9.62
CA CYS A 5 -38.93 -19.70 -9.66
C CYS A 5 -37.65 -19.03 -10.20
N PRO A 6 -37.80 -17.83 -10.70
CA PRO A 6 -36.63 -17.08 -11.24
C PRO A 6 -35.75 -16.56 -10.09
N GLY A 7 -36.32 -15.84 -9.17
CA GLY A 7 -35.52 -15.31 -8.02
C GLY A 7 -35.42 -16.38 -6.93
N CYS A 8 -34.84 -17.51 -7.24
CA CYS A 8 -34.72 -18.60 -6.22
C CYS A 8 -33.34 -18.56 -5.55
N GLY A 9 -32.69 -17.42 -5.56
CA GLY A 9 -31.34 -17.32 -4.93
C GLY A 9 -31.19 -15.95 -4.27
N GLN A 10 -30.01 -15.37 -4.31
CA GLN A 10 -29.80 -14.03 -3.68
C GLN A 10 -30.80 -13.01 -4.22
N GLY A 11 -30.95 -12.93 -5.52
CA GLY A 11 -31.91 -11.93 -6.10
C GLY A 11 -31.14 -10.81 -6.80
N VAL A 12 -29.92 -10.55 -6.39
CA VAL A 12 -29.13 -9.46 -7.04
C VAL A 12 -28.23 -10.04 -8.15
N GLN A 13 -28.76 -10.89 -8.99
CA GLN A 13 -27.98 -11.52 -10.10
C GLN A 13 -26.68 -12.16 -9.56
N ALA A 14 -26.78 -12.95 -8.52
CA ALA A 14 -25.56 -13.61 -7.95
C ALA A 14 -25.52 -15.09 -8.38
N GLY A 15 -24.37 -15.72 -8.29
CA GLY A 15 -24.26 -17.15 -8.68
C GLY A 15 -24.27 -17.27 -10.21
N CYS A 16 -23.21 -16.88 -10.86
CA CYS A 16 -23.15 -16.97 -12.35
C CYS A 16 -22.83 -18.40 -12.79
N PRO A 17 -23.01 -18.66 -14.05
CA PRO A 17 -22.70 -20.01 -14.60
C PRO A 17 -21.18 -20.18 -14.78
N GLY A 18 -20.42 -19.94 -13.74
CA GLY A 18 -18.93 -20.09 -13.84
C GLY A 18 -18.29 -18.74 -14.21
N GLY A 19 -18.86 -18.03 -15.15
CA GLY A 19 -18.29 -16.72 -15.57
C GLY A 19 -18.55 -15.65 -14.51
N CYS A 20 -17.73 -15.59 -13.50
CA CYS A 20 -17.91 -14.55 -12.43
C CYS A 20 -16.70 -13.62 -12.39
N VAL A 21 -16.93 -12.35 -12.63
CA VAL A 21 -15.78 -11.37 -12.60
C VAL A 21 -15.52 -10.94 -11.16
N GLU A 22 -14.90 -11.78 -10.39
CA GLU A 22 -14.61 -11.45 -8.98
C GLU A 22 -13.18 -10.89 -8.85
N GLU A 23 -12.77 -10.06 -9.78
CA GLU A 23 -11.40 -9.48 -9.73
C GLU A 23 -11.34 -8.18 -10.54
N GLU A 24 -12.13 -7.20 -10.17
CA GLU A 24 -12.14 -5.91 -10.92
C GLU A 24 -11.57 -4.78 -10.06
N ASP A 25 -10.91 -3.83 -10.65
CA ASP A 25 -10.35 -2.69 -9.85
C ASP A 25 -11.32 -1.51 -9.90
N GLY A 26 -11.02 -0.44 -9.20
CA GLY A 26 -11.93 0.74 -9.21
C GLY A 26 -11.14 2.00 -9.59
N GLY A 27 -10.08 1.87 -10.35
CA GLY A 27 -9.28 3.07 -10.74
C GLY A 27 -8.51 3.60 -9.54
N SER A 28 -9.20 4.15 -8.56
CA SER A 28 -8.50 4.67 -7.34
C SER A 28 -8.23 3.54 -6.34
N PRO A 29 -6.96 3.30 -6.09
CA PRO A 29 -6.56 2.21 -5.15
C PRO A 29 -6.89 2.58 -3.69
N ALA A 30 -7.07 1.60 -2.85
CA ALA A 30 -7.39 1.88 -1.42
C ALA A 30 -6.23 1.45 -0.52
N GLU A 31 -5.77 0.23 -0.67
CA GLU A 31 -4.64 -0.27 0.18
C GLU A 31 -3.33 -0.25 -0.61
N GLY A 32 -3.24 -1.02 -1.66
CA GLY A 32 -1.99 -1.05 -2.47
C GLY A 32 -1.85 -2.41 -3.16
N CYS A 33 -1.79 -3.47 -2.39
CA CYS A 33 -1.67 -4.82 -3.00
C CYS A 33 -2.68 -5.79 -2.36
N ALA A 34 -3.95 -5.51 -2.49
CA ALA A 34 -4.98 -6.41 -1.90
C ALA A 34 -5.94 -6.89 -3.00
N GLU A 35 -5.48 -6.93 -4.22
CA GLU A 35 -6.35 -7.36 -5.35
C GLU A 35 -5.80 -8.66 -5.99
N ALA A 36 -6.37 -9.07 -7.09
CA ALA A 36 -5.90 -10.33 -7.76
C ALA A 36 -4.82 -10.02 -8.81
N GLU A 37 -4.79 -8.84 -9.35
CA GLU A 37 -3.75 -8.51 -10.39
C GLU A 37 -2.39 -8.19 -9.72
N GLY A 38 -1.92 -9.05 -8.87
CA GLY A 38 -0.60 -8.81 -8.19
C GLY A 38 -0.54 -7.39 -7.64
N CYS A 39 0.29 -6.56 -8.20
CA CYS A 39 0.41 -5.14 -7.75
C CYS A 39 0.64 -4.23 -8.96
N LEU A 40 0.05 -3.06 -8.97
CA LEU A 40 0.24 -2.14 -10.13
C LEU A 40 1.67 -1.58 -10.16
N ARG A 41 1.93 -0.63 -11.03
CA ARG A 41 3.30 -0.07 -11.13
C ARG A 41 3.36 1.35 -10.52
N ARG A 42 4.15 1.51 -9.48
CA ARG A 42 4.32 2.84 -8.83
C ARG A 42 2.99 3.37 -8.25
N GLU A 43 2.30 2.59 -7.46
CA GLU A 43 1.03 3.05 -6.86
C GLU A 43 1.29 3.59 -5.46
N GLY A 44 0.70 4.69 -5.11
CA GLY A 44 0.92 5.28 -3.76
C GLY A 44 1.76 6.54 -3.88
N GLN A 45 2.81 6.50 -4.66
CA GLN A 45 3.68 7.71 -4.85
C GLN A 45 3.18 8.53 -6.04
N ALA A 1 -3.40 -0.70 43.90
CA ALA A 1 -2.72 -0.97 42.60
C ALA A 1 -2.46 0.34 41.86
N LEU A 2 -1.56 0.32 40.91
CA LEU A 2 -1.26 1.56 40.14
C LEU A 2 -2.38 1.87 39.14
N ALA A 3 -2.24 2.92 38.37
CA ALA A 3 -3.27 3.28 37.36
C ALA A 3 -2.70 4.28 36.35
N ARG A 4 -3.55 4.97 35.63
CA ARG A 4 -3.06 5.96 34.62
C ARG A 4 -2.25 7.05 35.31
N CYS A 5 -1.11 7.39 34.78
CA CYS A 5 -0.27 8.45 35.40
C CYS A 5 -0.71 9.83 34.89
N PRO A 6 -0.53 10.84 35.71
CA PRO A 6 -0.94 12.22 35.34
C PRO A 6 0.11 12.90 34.44
N GLY A 7 0.60 12.20 33.45
CA GLY A 7 1.62 12.80 32.53
C GLY A 7 2.30 11.69 31.71
N CYS A 8 1.53 10.73 31.24
CA CYS A 8 2.12 9.62 30.43
C CYS A 8 2.36 10.09 28.98
N GLY A 9 2.82 9.20 28.13
CA GLY A 9 3.08 9.60 26.71
C GLY A 9 1.80 9.44 25.89
N GLN A 10 1.47 8.23 25.48
CA GLN A 10 0.24 8.02 24.67
C GLN A 10 -1.02 8.31 25.50
N GLY A 11 -1.34 7.45 26.45
CA GLY A 11 -2.56 7.68 27.29
C GLY A 11 -3.83 7.42 26.46
N VAL A 12 -3.70 6.90 25.26
CA VAL A 12 -4.90 6.63 24.42
C VAL A 12 -4.51 5.61 23.33
N GLN A 13 -4.51 4.35 23.67
CA GLN A 13 -4.12 3.29 22.69
C GLN A 13 -4.93 3.41 21.39
N ALA A 14 -4.34 3.97 20.37
CA ALA A 14 -5.05 4.12 19.06
C ALA A 14 -4.45 3.15 18.03
N GLY A 15 -3.96 2.03 18.48
CA GLY A 15 -3.35 1.04 17.55
C GLY A 15 -2.17 0.37 18.27
N CYS A 16 -1.01 0.97 18.21
CA CYS A 16 0.17 0.38 18.90
C CYS A 16 0.51 1.20 20.14
N PRO A 17 0.10 0.70 21.28
CA PRO A 17 0.34 1.44 22.57
C PRO A 17 1.82 1.36 22.99
N GLY A 18 2.72 1.78 22.14
CA GLY A 18 4.18 1.74 22.52
C GLY A 18 5.07 1.61 21.27
N GLY A 19 4.71 2.22 20.18
CA GLY A 19 5.56 2.12 18.95
C GLY A 19 5.24 0.82 18.21
N CYS A 20 5.14 0.88 16.92
CA CYS A 20 4.84 -0.35 16.11
C CYS A 20 6.02 -0.68 15.19
N VAL A 21 7.22 -0.29 15.55
CA VAL A 21 8.40 -0.59 14.67
C VAL A 21 9.56 -1.18 15.50
N GLU A 22 9.34 -1.49 16.75
CA GLU A 22 10.42 -2.07 17.60
C GLU A 22 10.31 -3.60 17.67
N GLU A 23 9.53 -4.20 16.81
CA GLU A 23 9.39 -5.68 16.83
C GLU A 23 9.20 -6.20 15.40
N GLU A 24 8.21 -5.69 14.71
CA GLU A 24 7.97 -6.12 13.31
C GLU A 24 7.98 -4.92 12.37
N ASP A 25 9.05 -4.71 11.65
CA ASP A 25 9.12 -3.56 10.71
C ASP A 25 9.23 -4.04 9.25
N GLY A 26 8.78 -5.25 8.99
CA GLY A 26 8.85 -5.79 7.60
C GLY A 26 9.49 -7.18 7.64
N GLY A 27 10.77 -7.26 7.40
CA GLY A 27 11.47 -8.58 7.42
C GLY A 27 11.23 -9.31 6.11
N SER A 28 10.25 -10.18 6.06
CA SER A 28 9.96 -10.94 4.80
C SER A 28 9.18 -10.05 3.82
N PRO A 29 9.11 -10.48 2.57
CA PRO A 29 8.39 -9.72 1.53
C PRO A 29 6.87 -9.86 1.72
N ALA A 30 6.35 -9.35 2.82
CA ALA A 30 4.90 -9.44 3.07
C ALA A 30 4.32 -8.06 3.39
N GLU A 31 4.14 -7.23 2.40
CA GLU A 31 3.58 -5.87 2.65
C GLU A 31 2.07 -5.93 2.84
N GLY A 32 1.39 -6.69 2.01
CA GLY A 32 -0.09 -6.80 2.14
C GLY A 32 -0.76 -6.14 0.95
N CYS A 33 -0.82 -6.82 -0.17
CA CYS A 33 -1.48 -6.21 -1.37
C CYS A 33 -3.00 -6.34 -1.24
N ALA A 34 -3.72 -5.28 -1.50
CA ALA A 34 -5.22 -5.35 -1.39
C ALA A 34 -5.81 -6.03 -2.64
N GLU A 35 -5.10 -6.04 -3.73
CA GLU A 35 -5.61 -6.68 -4.97
C GLU A 35 -4.54 -7.61 -5.55
N ALA A 36 -4.92 -8.47 -6.45
CA ALA A 36 -3.93 -9.39 -7.07
C ALA A 36 -3.39 -8.78 -8.37
N GLU A 37 -4.23 -8.13 -9.13
CA GLU A 37 -3.77 -7.50 -10.41
C GLU A 37 -3.08 -6.16 -10.10
N GLY A 38 -3.75 -5.28 -9.40
CA GLY A 38 -3.14 -3.96 -9.06
C GLY A 38 -2.11 -4.13 -7.95
N CYS A 39 -1.08 -4.88 -8.21
CA CYS A 39 -0.02 -5.09 -7.18
C CYS A 39 1.34 -4.63 -7.72
N LEU A 40 1.84 -5.26 -8.76
CA LEU A 40 3.16 -4.85 -9.34
C LEU A 40 3.41 -5.57 -10.68
N ARG A 41 4.63 -5.55 -11.16
CA ARG A 41 4.97 -6.21 -12.46
C ARG A 41 4.23 -5.54 -13.62
N ARG A 42 4.43 -6.02 -14.83
CA ARG A 42 3.74 -5.41 -16.00
C ARG A 42 3.10 -6.50 -16.85
N GLU A 43 3.91 -7.27 -17.54
CA GLU A 43 3.38 -8.36 -18.39
C GLU A 43 4.10 -9.67 -18.06
N GLY A 44 3.60 -10.40 -17.11
CA GLY A 44 4.25 -11.68 -16.73
C GLY A 44 3.83 -12.06 -15.30
N GLN A 45 2.57 -12.34 -15.11
CA GLN A 45 2.08 -12.72 -13.75
C GLN A 45 0.83 -13.60 -13.86
N ALA A 1 -3.19 16.11 46.48
CA ALA A 1 -3.84 15.18 45.49
C ALA A 1 -3.26 15.43 44.09
N LEU A 2 -2.69 14.41 43.47
CA LEU A 2 -2.11 14.59 42.10
C LEU A 2 -1.66 13.21 41.56
N ALA A 3 -1.61 13.06 40.27
CA ALA A 3 -1.18 11.75 39.69
C ALA A 3 0.19 11.91 39.01
N ARG A 4 0.87 10.81 38.75
CA ARG A 4 2.21 10.87 38.10
C ARG A 4 2.65 9.47 37.65
N CYS A 5 2.32 9.08 36.45
CA CYS A 5 2.72 7.72 35.95
C CYS A 5 2.65 7.68 34.42
N PRO A 6 3.80 7.75 33.79
CA PRO A 6 3.85 7.71 32.31
C PRO A 6 3.67 6.27 31.80
N GLY A 7 3.20 6.10 30.61
CA GLY A 7 3.01 4.72 30.06
C GLY A 7 1.69 4.13 30.53
N CYS A 8 1.42 4.18 31.81
CA CYS A 8 0.12 3.60 32.31
C CYS A 8 -1.05 4.55 32.07
N GLY A 9 -0.81 5.84 32.11
CA GLY A 9 -1.91 6.82 31.89
C GLY A 9 -2.17 6.97 30.39
N GLN A 10 -1.18 7.40 29.65
CA GLN A 10 -1.36 7.57 28.17
C GLN A 10 -0.07 7.20 27.43
N GLY A 11 1.00 7.91 27.66
CA GLY A 11 2.28 7.62 26.96
C GLY A 11 2.32 8.41 25.66
N VAL A 12 1.49 8.08 24.72
CA VAL A 12 1.46 8.83 23.42
C VAL A 12 -0.01 9.09 23.00
N GLN A 13 -0.60 8.24 22.20
CA GLN A 13 -2.02 8.47 21.78
C GLN A 13 -2.60 7.20 21.11
N ALA A 14 -2.15 6.04 21.50
CA ALA A 14 -2.68 4.79 20.89
C ALA A 14 -2.54 3.62 21.86
N GLY A 15 -3.56 2.79 21.98
CA GLY A 15 -3.48 1.63 22.92
C GLY A 15 -3.37 0.33 22.12
N CYS A 16 -2.28 0.16 21.42
CA CYS A 16 -2.09 -1.10 20.62
C CYS A 16 -1.61 -2.23 21.52
N PRO A 17 -2.44 -3.23 21.68
CA PRO A 17 -2.08 -4.39 22.55
C PRO A 17 -0.97 -5.24 21.90
N GLY A 18 0.26 -4.90 22.17
CA GLY A 18 1.40 -5.68 21.58
C GLY A 18 2.11 -4.84 20.52
N GLY A 19 1.50 -3.79 20.03
CA GLY A 19 2.15 -2.96 18.98
C GLY A 19 1.29 -3.01 17.72
N CYS A 20 1.12 -1.90 17.07
CA CYS A 20 0.28 -1.88 15.82
C CYS A 20 1.06 -1.31 14.61
N VAL A 21 2.28 -0.87 14.78
CA VAL A 21 3.04 -0.30 13.62
C VAL A 21 4.55 -0.32 13.91
N GLU A 22 5.04 -1.35 14.53
CA GLU A 22 6.49 -1.42 14.85
C GLU A 22 7.25 -2.28 13.82
N GLU A 23 6.99 -2.06 12.55
CA GLU A 23 7.67 -2.83 11.46
C GLU A 23 7.76 -4.33 11.80
N GLU A 24 6.65 -5.02 11.82
CA GLU A 24 6.66 -6.48 12.15
C GLU A 24 7.07 -7.28 10.91
N ASP A 25 6.33 -7.13 9.83
CA ASP A 25 6.64 -7.85 8.57
C ASP A 25 5.95 -7.12 7.41
N GLY A 26 6.16 -7.58 6.21
CA GLY A 26 5.52 -6.93 5.02
C GLY A 26 6.00 -5.47 4.91
N GLY A 27 7.25 -5.23 5.16
CA GLY A 27 7.78 -3.83 5.06
C GLY A 27 7.54 -3.27 3.64
N SER A 28 7.53 -4.12 2.65
CA SER A 28 7.30 -3.64 1.24
C SER A 28 5.80 -3.41 1.03
N PRO A 29 5.46 -2.69 -0.01
CA PRO A 29 4.03 -2.40 -0.31
C PRO A 29 3.30 -3.68 -0.77
N ALA A 30 3.10 -4.62 0.12
CA ALA A 30 2.41 -5.87 -0.26
C ALA A 30 0.93 -5.82 0.18
N GLU A 31 0.66 -5.29 1.34
CA GLU A 31 -0.74 -5.22 1.84
C GLU A 31 -1.50 -4.05 1.18
N GLY A 32 -0.81 -3.17 0.48
CA GLY A 32 -1.51 -2.02 -0.18
C GLY A 32 -2.32 -2.50 -1.37
N CYS A 33 -1.80 -3.44 -2.12
CA CYS A 33 -2.54 -3.94 -3.30
C CYS A 33 -2.65 -5.47 -3.24
N ALA A 34 -3.72 -5.97 -2.68
CA ALA A 34 -3.91 -7.45 -2.58
C ALA A 34 -5.22 -7.84 -3.27
N GLU A 35 -5.56 -7.18 -4.35
CA GLU A 35 -6.83 -7.50 -5.08
C GLU A 35 -6.62 -8.75 -5.96
N ALA A 36 -7.23 -8.80 -7.11
CA ALA A 36 -7.07 -9.99 -7.99
C ALA A 36 -5.70 -9.94 -8.68
N GLU A 37 -5.15 -8.76 -8.87
CA GLU A 37 -3.81 -8.65 -9.52
C GLU A 37 -2.72 -8.47 -8.46
N GLY A 38 -2.99 -7.68 -7.45
CA GLY A 38 -1.98 -7.44 -6.38
C GLY A 38 -0.99 -6.38 -6.85
N CYS A 39 0.27 -6.73 -6.94
CA CYS A 39 1.29 -5.74 -7.40
C CYS A 39 2.47 -6.46 -8.06
N LEU A 40 2.21 -7.44 -8.89
CA LEU A 40 3.31 -8.18 -9.55
C LEU A 40 3.65 -7.56 -10.91
N ARG A 41 4.91 -7.47 -11.24
CA ARG A 41 5.32 -6.89 -12.55
C ARG A 41 6.03 -7.96 -13.39
N ARG A 42 5.96 -7.85 -14.70
CA ARG A 42 6.62 -8.87 -15.56
C ARG A 42 8.09 -8.50 -15.85
N GLU A 43 8.81 -8.02 -14.87
CA GLU A 43 10.24 -7.66 -15.10
C GLU A 43 11.16 -8.83 -14.74
N GLY A 44 10.82 -9.59 -13.73
CA GLY A 44 11.65 -10.76 -13.32
C GLY A 44 11.29 -11.98 -14.14
N GLN A 45 11.62 -11.97 -15.41
CA GLN A 45 11.30 -13.15 -16.28
C GLN A 45 12.57 -13.98 -16.53
N ALA A 1 22.67 15.47 -37.46
CA ALA A 1 22.69 16.96 -37.60
C ALA A 1 24.12 17.48 -37.43
N LEU A 2 24.55 18.39 -38.29
CA LEU A 2 25.93 18.96 -38.21
C LEU A 2 27.02 17.88 -38.09
N ALA A 3 26.83 16.74 -38.72
CA ALA A 3 27.88 15.67 -38.64
C ALA A 3 27.60 14.54 -39.65
N ARG A 4 27.02 14.85 -40.79
CA ARG A 4 26.71 13.80 -41.82
C ARG A 4 26.16 12.52 -41.17
N CYS A 5 25.44 12.65 -40.09
CA CYS A 5 24.87 11.45 -39.41
C CYS A 5 23.36 11.61 -39.27
N PRO A 6 22.62 10.76 -39.95
CA PRO A 6 21.14 10.82 -39.90
C PRO A 6 20.61 10.24 -38.58
N GLY A 7 20.92 9.00 -38.28
CA GLY A 7 20.42 8.38 -37.00
C GLY A 7 21.24 8.91 -35.81
N CYS A 8 21.27 10.20 -35.62
CA CYS A 8 22.03 10.76 -34.47
C CYS A 8 21.06 11.42 -33.46
N GLY A 9 19.78 11.19 -33.60
CA GLY A 9 18.80 11.78 -32.64
C GLY A 9 18.11 10.65 -31.90
N GLN A 10 17.51 10.93 -30.76
CA GLN A 10 16.82 9.86 -29.97
C GLN A 10 17.78 8.68 -29.68
N GLY A 11 19.05 8.96 -29.53
CA GLY A 11 20.03 7.88 -29.24
C GLY A 11 19.93 7.45 -27.78
N VAL A 12 18.75 7.11 -27.33
CA VAL A 12 18.58 6.69 -25.90
C VAL A 12 18.54 5.16 -25.80
N GLN A 13 19.31 4.47 -26.63
CA GLN A 13 19.33 2.97 -26.61
C GLN A 13 17.94 2.37 -26.81
N ALA A 14 16.98 3.14 -27.28
CA ALA A 14 15.59 2.61 -27.48
C ALA A 14 15.13 1.79 -26.27
N GLY A 15 15.50 2.21 -25.09
CA GLY A 15 15.10 1.46 -23.86
C GLY A 15 13.84 2.08 -23.25
N CYS A 16 13.83 3.38 -23.05
CA CYS A 16 12.63 4.03 -22.46
C CYS A 16 11.92 4.90 -23.49
N PRO A 17 11.14 4.29 -24.33
CA PRO A 17 10.41 5.04 -25.38
C PRO A 17 9.23 5.81 -24.75
N GLY A 18 9.40 7.09 -24.53
CA GLY A 18 8.31 7.91 -23.92
C GLY A 18 8.74 8.42 -22.54
N GLY A 19 9.44 7.61 -21.78
CA GLY A 19 9.89 8.05 -20.43
C GLY A 19 10.65 6.91 -19.76
N CYS A 20 11.66 7.23 -19.00
CA CYS A 20 12.47 6.16 -18.32
C CYS A 20 12.17 6.17 -16.81
N VAL A 21 10.93 6.29 -16.44
CA VAL A 21 10.56 6.29 -15.00
C VAL A 21 9.19 5.61 -14.82
N GLU A 22 9.06 4.42 -15.34
CA GLU A 22 7.76 3.69 -15.25
C GLU A 22 7.58 3.05 -13.87
N GLU A 23 8.65 2.67 -13.21
CA GLU A 23 8.53 2.04 -11.87
C GLU A 23 9.87 2.10 -11.11
N GLU A 24 9.95 2.92 -10.10
CA GLU A 24 11.21 3.02 -9.32
C GLU A 24 11.21 2.00 -8.17
N ASP A 25 12.36 1.60 -7.71
CA ASP A 25 12.43 0.60 -6.59
C ASP A 25 12.18 1.29 -5.24
N GLY A 26 12.60 2.52 -5.09
CA GLY A 26 12.41 3.25 -3.81
C GLY A 26 10.92 3.26 -3.43
N GLY A 27 10.05 3.58 -4.36
CA GLY A 27 8.59 3.61 -4.05
C GLY A 27 7.93 2.31 -4.51
N SER A 28 8.34 1.19 -3.95
CA SER A 28 7.73 -0.12 -4.37
C SER A 28 6.91 -0.71 -3.21
N PRO A 29 5.64 -0.41 -3.19
CA PRO A 29 4.73 -0.94 -2.13
C PRO A 29 4.35 -2.40 -2.42
N ALA A 30 4.42 -3.25 -1.42
CA ALA A 30 4.06 -4.67 -1.65
C ALA A 30 3.02 -5.13 -0.61
N GLU A 31 1.89 -4.45 -0.55
CA GLU A 31 0.82 -4.83 0.42
C GLU A 31 -0.52 -4.24 0.00
N GLY A 32 -0.56 -2.97 -0.30
CA GLY A 32 -1.84 -2.31 -0.71
C GLY A 32 -2.45 -2.98 -1.95
N CYS A 33 -1.65 -3.59 -2.80
CA CYS A 33 -2.22 -4.24 -4.02
C CYS A 33 -2.83 -5.61 -3.66
N ALA A 34 -3.91 -5.61 -2.93
CA ALA A 34 -4.56 -6.91 -2.56
C ALA A 34 -5.64 -7.29 -3.58
N GLU A 35 -5.45 -6.95 -4.83
CA GLU A 35 -6.46 -7.30 -5.86
C GLU A 35 -6.06 -8.59 -6.60
N ALA A 36 -6.84 -9.00 -7.56
CA ALA A 36 -6.51 -10.25 -8.31
C ALA A 36 -5.59 -9.96 -9.51
N GLU A 37 -4.78 -8.93 -9.43
CA GLU A 37 -3.86 -8.61 -10.55
C GLU A 37 -2.62 -9.54 -10.53
N GLY A 38 -2.36 -10.18 -9.42
CA GLY A 38 -1.18 -11.09 -9.33
C GLY A 38 -0.25 -10.64 -8.18
N CYS A 39 -0.69 -9.73 -7.35
CA CYS A 39 0.17 -9.26 -6.21
C CYS A 39 0.13 -10.28 -5.06
N LEU A 40 -0.93 -11.06 -4.94
CA LEU A 40 -1.01 -12.05 -3.84
C LEU A 40 -0.35 -13.38 -4.25
N ARG A 41 -0.94 -14.11 -5.16
CA ARG A 41 -0.35 -15.42 -5.62
C ARG A 41 -0.08 -16.33 -4.41
N ARG A 42 -1.11 -16.79 -3.75
CA ARG A 42 -0.92 -17.69 -2.56
C ARG A 42 -1.39 -19.12 -2.87
N GLU A 43 -1.53 -19.46 -4.13
CA GLU A 43 -1.98 -20.84 -4.50
C GLU A 43 -3.21 -21.23 -3.66
N GLY A 44 -3.15 -22.32 -2.93
CA GLY A 44 -4.32 -22.72 -2.08
C GLY A 44 -3.91 -22.60 -0.61
N GLN A 45 -2.98 -21.73 -0.31
CA GLN A 45 -2.53 -21.57 1.11
C GLN A 45 -3.08 -20.28 1.70
N ALA A 1 24.89 23.88 23.71
CA ALA A 1 26.14 24.29 22.99
C ALA A 1 27.30 24.43 23.99
N LEU A 2 28.30 23.60 23.88
CA LEU A 2 29.44 23.68 24.83
C LEU A 2 30.39 24.80 24.42
N ALA A 3 30.05 26.02 24.73
CA ALA A 3 30.93 27.17 24.36
C ALA A 3 30.94 28.22 25.48
N ARG A 4 31.76 29.23 25.35
CA ARG A 4 31.82 30.30 26.40
C ARG A 4 30.59 31.22 26.34
N CYS A 5 29.91 31.27 25.22
CA CYS A 5 28.71 32.16 25.13
C CYS A 5 27.50 31.38 24.59
N PRO A 6 26.32 31.75 25.07
CA PRO A 6 25.08 31.06 24.63
C PRO A 6 24.64 31.56 23.24
N GLY A 7 24.54 30.67 22.28
CA GLY A 7 24.10 31.09 20.91
C GLY A 7 25.33 31.30 20.00
N CYS A 8 26.49 30.89 20.40
CA CYS A 8 27.71 31.09 19.55
C CYS A 8 28.82 30.13 19.97
N GLY A 9 29.90 30.07 19.22
CA GLY A 9 31.02 29.15 19.58
C GLY A 9 31.18 28.10 18.48
N GLN A 10 32.03 27.12 18.68
CA GLN A 10 32.23 26.06 17.66
C GLN A 10 31.24 24.91 17.88
N GLY A 11 29.98 25.21 18.02
CA GLY A 11 28.97 24.13 18.24
C GLY A 11 28.56 23.53 16.90
N VAL A 12 29.48 22.97 16.17
CA VAL A 12 29.13 22.36 14.85
C VAL A 12 29.81 20.98 14.69
N GLN A 13 30.12 20.31 15.77
CA GLN A 13 30.77 18.97 15.68
C GLN A 13 29.80 17.90 15.17
N ALA A 14 28.52 18.17 15.17
CA ALA A 14 27.51 17.16 14.69
C ALA A 14 27.59 15.88 15.52
N GLY A 15 26.94 15.86 16.66
CA GLY A 15 26.97 14.66 17.53
C GLY A 15 25.53 14.24 17.83
N CYS A 16 24.87 13.61 16.88
CA CYS A 16 23.46 13.18 17.11
C CYS A 16 23.45 11.89 17.93
N PRO A 17 22.84 11.98 19.10
CA PRO A 17 22.77 10.80 20.00
C PRO A 17 21.86 9.70 19.42
N GLY A 18 20.74 10.07 18.85
CA GLY A 18 19.83 9.04 18.26
C GLY A 18 18.65 9.73 17.58
N GLY A 19 18.93 10.52 16.59
CA GLY A 19 17.83 11.23 15.86
C GLY A 19 18.42 12.39 15.06
N CYS A 20 19.07 12.11 13.97
CA CYS A 20 19.68 13.21 13.15
C CYS A 20 18.86 13.45 11.88
N VAL A 21 18.40 12.40 11.25
CA VAL A 21 17.59 12.56 9.99
C VAL A 21 16.13 12.25 10.27
N GLU A 22 15.53 12.93 11.22
CA GLU A 22 14.08 12.66 11.53
C GLU A 22 13.18 13.36 10.51
N GLU A 23 13.48 13.26 9.24
CA GLU A 23 12.64 13.90 8.19
C GLU A 23 12.23 12.88 7.10
N GLU A 24 13.05 11.88 6.86
CA GLU A 24 12.74 10.83 5.84
C GLU A 24 12.52 11.44 4.44
N ASP A 25 12.29 10.62 3.44
CA ASP A 25 12.08 11.14 2.06
C ASP A 25 10.59 11.12 1.70
N GLY A 26 9.87 10.13 2.14
CA GLY A 26 8.41 10.05 1.81
C GLY A 26 8.15 8.78 1.01
N GLY A 27 7.82 7.70 1.68
CA GLY A 27 7.55 6.41 0.98
C GLY A 27 6.42 6.59 -0.02
N SER A 28 6.74 6.65 -1.29
CA SER A 28 5.68 6.84 -2.33
C SER A 28 4.93 5.53 -2.64
N PRO A 29 5.65 4.46 -2.88
CA PRO A 29 5.00 3.17 -3.20
C PRO A 29 4.33 2.55 -1.96
N ALA A 30 3.38 3.24 -1.37
CA ALA A 30 2.68 2.70 -0.17
C ALA A 30 1.17 2.60 -0.44
N GLU A 31 0.79 2.05 -1.56
CA GLU A 31 -0.66 1.92 -1.89
C GLU A 31 -1.27 0.72 -1.16
N GLY A 32 -0.88 -0.47 -1.55
CA GLY A 32 -1.41 -1.70 -0.88
C GLY A 32 -2.21 -2.53 -1.89
N CYS A 33 -1.53 -3.22 -2.75
CA CYS A 33 -2.24 -4.06 -3.76
C CYS A 33 -2.71 -5.37 -3.11
N ALA A 34 -3.97 -5.69 -3.24
CA ALA A 34 -4.50 -6.94 -2.63
C ALA A 34 -5.59 -7.56 -3.52
N GLU A 35 -5.65 -7.17 -4.75
CA GLU A 35 -6.69 -7.72 -5.68
C GLU A 35 -6.15 -8.98 -6.40
N ALA A 36 -6.81 -9.39 -7.46
CA ALA A 36 -6.35 -10.61 -8.19
C ALA A 36 -5.31 -10.26 -9.27
N GLU A 37 -4.36 -9.41 -8.95
CA GLU A 37 -3.32 -9.04 -9.96
C GLU A 37 -1.92 -8.97 -9.29
N GLY A 38 -1.80 -9.40 -8.06
CA GLY A 38 -0.46 -9.34 -7.38
C GLY A 38 -0.11 -7.88 -7.12
N CYS A 39 0.86 -7.35 -7.84
CA CYS A 39 1.25 -5.92 -7.65
C CYS A 39 2.01 -5.40 -8.87
N LEU A 40 3.06 -6.07 -9.25
CA LEU A 40 3.87 -5.63 -10.43
C LEU A 40 3.06 -5.79 -11.73
N ARG A 41 2.00 -6.58 -11.72
CA ARG A 41 1.17 -6.79 -12.94
C ARG A 41 2.00 -7.48 -14.03
N ARG A 42 2.23 -8.76 -13.87
CA ARG A 42 3.02 -9.53 -14.87
C ARG A 42 2.23 -10.78 -15.29
N GLU A 43 1.15 -10.59 -15.99
CA GLU A 43 0.30 -11.75 -16.41
C GLU A 43 1.04 -12.68 -17.38
N GLY A 44 1.84 -13.57 -16.87
CA GLY A 44 2.57 -14.53 -17.75
C GLY A 44 3.43 -13.78 -18.76
N GLN A 45 4.17 -12.81 -18.32
CA GLN A 45 5.06 -12.04 -19.25
C GLN A 45 6.41 -11.75 -18.57
N ALA A 1 14.70 31.11 19.42
CA ALA A 1 15.14 29.79 19.95
C ALA A 1 15.22 28.76 18.81
N LEU A 2 15.77 27.60 19.07
CA LEU A 2 15.89 26.56 18.01
C LEU A 2 14.79 25.48 18.14
N ALA A 3 13.96 25.56 19.14
CA ALA A 3 12.89 24.53 19.32
C ALA A 3 11.98 24.45 18.10
N ARG A 4 11.66 25.57 17.49
CA ARG A 4 10.77 25.55 16.29
C ARG A 4 11.37 26.39 15.16
N CYS A 5 11.38 25.86 13.96
CA CYS A 5 11.96 26.62 12.81
C CYS A 5 10.82 27.08 11.87
N PRO A 6 10.68 28.37 11.72
CA PRO A 6 9.61 28.93 10.86
C PRO A 6 9.94 28.71 9.37
N GLY A 7 9.24 27.81 8.74
CA GLY A 7 9.47 27.55 7.28
C GLY A 7 10.86 26.94 7.06
N CYS A 8 11.21 25.93 7.81
CA CYS A 8 12.56 25.30 7.62
C CYS A 8 12.52 24.26 6.49
N GLY A 9 13.63 23.64 6.20
CA GLY A 9 13.66 22.62 5.12
C GLY A 9 13.01 21.33 5.61
N GLN A 10 12.43 20.57 4.71
CA GLN A 10 11.75 19.30 5.10
C GLN A 10 12.79 18.18 5.30
N GLY A 11 13.80 18.44 6.08
CA GLY A 11 14.85 17.39 6.33
C GLY A 11 14.35 16.41 7.39
N VAL A 12 14.00 16.90 8.56
CA VAL A 12 13.49 16.00 9.64
C VAL A 12 12.28 16.63 10.34
N GLN A 13 11.19 16.78 9.62
CA GLN A 13 9.97 17.37 10.23
C GLN A 13 9.21 16.32 11.05
N ALA A 14 9.20 15.10 10.59
CA ALA A 14 8.47 14.02 11.35
C ALA A 14 9.45 13.27 12.26
N GLY A 15 8.94 12.48 13.17
CA GLY A 15 9.82 11.70 14.09
C GLY A 15 10.72 10.75 13.29
N CYS A 16 10.25 10.22 12.19
CA CYS A 16 11.12 9.29 11.38
C CYS A 16 11.51 9.99 10.06
N PRO A 17 12.68 10.57 10.05
CA PRO A 17 13.16 11.29 8.84
C PRO A 17 13.46 10.30 7.70
N GLY A 18 12.67 10.33 6.65
CA GLY A 18 12.89 9.41 5.50
C GLY A 18 12.72 7.94 5.94
N GLY A 19 12.06 7.69 7.04
CA GLY A 19 11.88 6.28 7.51
C GLY A 19 10.68 6.20 8.44
N CYS A 20 9.53 6.65 8.00
CA CYS A 20 8.30 6.60 8.86
C CYS A 20 7.18 5.88 8.09
N VAL A 21 7.06 4.61 8.29
CA VAL A 21 6.00 3.83 7.59
C VAL A 21 5.07 3.12 8.59
N GLU A 22 4.71 3.79 9.65
CA GLU A 22 3.81 3.19 10.65
C GLU A 22 2.44 3.89 10.60
N GLU A 23 1.90 4.11 9.42
CA GLU A 23 0.58 4.79 9.32
C GLU A 23 -0.52 3.76 9.04
N GLU A 24 -0.39 2.99 7.99
CA GLU A 24 -1.44 1.97 7.66
C GLU A 24 -1.35 0.79 8.64
N ASP A 25 -2.44 0.09 8.84
CA ASP A 25 -2.42 -1.08 9.79
C ASP A 25 -2.18 -2.41 9.04
N GLY A 26 -1.35 -2.37 8.02
CA GLY A 26 -1.05 -3.61 7.26
C GLY A 26 -0.61 -3.26 5.83
N GLY A 27 -1.54 -3.17 4.91
CA GLY A 27 -1.18 -2.82 3.49
C GLY A 27 -2.21 -1.84 2.93
N SER A 28 -1.77 -0.89 2.16
CA SER A 28 -2.73 0.08 1.56
C SER A 28 -3.34 -0.49 0.27
N PRO A 29 -4.51 -0.02 -0.06
CA PRO A 29 -5.17 -0.50 -1.30
C PRO A 29 -4.36 -0.05 -2.53
N ALA A 30 -3.62 1.03 -2.41
CA ALA A 30 -2.80 1.51 -3.55
C ALA A 30 -1.36 0.96 -3.45
N GLU A 31 -1.18 -0.15 -2.77
CA GLU A 31 0.17 -0.75 -2.62
C GLU A 31 0.54 -1.60 -3.85
N GLY A 32 -0.39 -1.83 -4.74
CA GLY A 32 -0.09 -2.67 -5.94
C GLY A 32 -0.10 -4.15 -5.55
N CYS A 33 -0.86 -4.50 -4.55
CA CYS A 33 -0.92 -5.94 -4.11
C CYS A 33 -2.19 -6.17 -3.27
N ALA A 34 -3.31 -5.65 -3.70
CA ALA A 34 -4.58 -5.84 -2.91
C ALA A 34 -5.54 -6.79 -3.62
N GLU A 35 -5.80 -6.57 -4.89
CA GLU A 35 -6.75 -7.46 -5.62
C GLU A 35 -5.98 -8.56 -6.36
N ALA A 36 -6.64 -9.26 -7.26
CA ALA A 36 -5.95 -10.34 -8.02
C ALA A 36 -5.18 -9.75 -9.22
N GLU A 37 -4.48 -8.67 -9.00
CA GLU A 37 -3.69 -8.06 -10.10
C GLU A 37 -2.38 -8.81 -10.31
N GLY A 38 -2.01 -9.67 -9.38
CA GLY A 38 -0.73 -10.45 -9.54
C GLY A 38 0.11 -10.40 -8.25
N CYS A 39 -0.52 -10.45 -7.11
CA CYS A 39 0.25 -10.40 -5.83
C CYS A 39 0.54 -11.83 -5.34
N LEU A 40 -0.46 -12.68 -5.33
CA LEU A 40 -0.24 -14.08 -4.86
C LEU A 40 0.16 -14.98 -6.05
N ARG A 41 -0.76 -15.76 -6.58
CA ARG A 41 -0.43 -16.64 -7.74
C ARG A 41 -1.70 -17.16 -8.41
N ARG A 42 -1.57 -17.95 -9.44
CA ARG A 42 -2.77 -18.50 -10.14
C ARG A 42 -2.37 -19.73 -10.97
N GLU A 43 -2.22 -20.87 -10.34
CA GLU A 43 -1.83 -22.11 -11.08
C GLU A 43 -2.60 -23.33 -10.56
N GLY A 44 -3.08 -24.16 -11.44
CA GLY A 44 -3.83 -25.38 -11.01
C GLY A 44 -5.33 -25.09 -10.92
N GLN A 45 -5.83 -24.18 -11.73
CA GLN A 45 -7.28 -23.85 -11.70
C GLN A 45 -7.76 -23.44 -13.08
N ALA A 1 10.67 46.99 -12.31
CA ALA A 1 11.10 46.99 -10.88
C ALA A 1 12.28 46.02 -10.68
N LEU A 2 13.26 46.41 -9.91
CA LEU A 2 14.44 45.53 -9.67
C LEU A 2 15.00 45.77 -8.26
N ALA A 3 14.87 44.80 -7.39
CA ALA A 3 15.39 44.97 -6.00
C ALA A 3 16.46 43.91 -5.71
N ARG A 4 17.22 44.08 -4.66
CA ARG A 4 18.27 43.09 -4.31
C ARG A 4 17.93 42.43 -2.98
N CYS A 5 18.48 41.27 -2.73
CA CYS A 5 18.19 40.56 -1.44
C CYS A 5 19.50 40.16 -0.75
N PRO A 6 19.42 39.86 0.52
CA PRO A 6 20.63 39.46 1.28
C PRO A 6 21.00 38.01 0.98
N GLY A 7 20.06 37.10 1.07
CA GLY A 7 20.37 35.66 0.80
C GLY A 7 19.80 35.25 -0.57
N CYS A 8 20.34 35.78 -1.64
CA CYS A 8 19.84 35.40 -2.99
C CYS A 8 20.57 34.14 -3.47
N GLY A 9 19.87 33.21 -4.06
CA GLY A 9 20.52 31.96 -4.53
C GLY A 9 19.99 30.77 -3.73
N GLN A 10 18.91 30.17 -4.18
CA GLN A 10 18.30 29.00 -3.44
C GLN A 10 18.08 29.34 -1.95
N GLY A 11 17.77 30.57 -1.65
CA GLY A 11 17.53 30.97 -0.22
C GLY A 11 16.05 31.28 -0.02
N VAL A 12 15.43 31.94 -0.96
CA VAL A 12 13.98 32.26 -0.81
C VAL A 12 13.11 31.04 -1.14
N GLN A 13 13.38 30.39 -2.24
CA GLN A 13 12.58 29.18 -2.62
C GLN A 13 12.92 28.00 -1.70
N ALA A 14 11.93 27.31 -1.19
CA ALA A 14 12.20 26.15 -0.31
C ALA A 14 12.00 24.84 -1.09
N GLY A 15 11.87 23.73 -0.41
CA GLY A 15 11.66 22.44 -1.13
C GLY A 15 11.27 21.36 -0.13
N CYS A 16 12.18 20.47 0.20
CA CYS A 16 11.84 19.40 1.18
C CYS A 16 12.70 19.57 2.44
N PRO A 17 12.13 20.17 3.45
CA PRO A 17 12.86 20.38 4.72
C PRO A 17 12.89 19.06 5.51
N GLY A 18 13.48 18.04 4.95
CA GLY A 18 13.52 16.72 5.64
C GLY A 18 12.30 15.87 5.22
N GLY A 19 11.25 16.49 4.72
CA GLY A 19 10.06 15.71 4.30
C GLY A 19 10.08 15.49 2.79
N CYS A 20 11.00 14.71 2.30
CA CYS A 20 11.07 14.46 0.83
C CYS A 20 10.07 13.38 0.46
N VAL A 21 9.47 13.51 -0.69
CA VAL A 21 8.45 12.50 -1.13
C VAL A 21 9.11 11.22 -1.66
N GLU A 22 10.35 11.28 -2.08
CA GLU A 22 11.04 10.06 -2.59
C GLU A 22 11.71 9.27 -1.44
N GLU A 23 11.36 9.55 -0.20
CA GLU A 23 11.97 8.82 0.95
C GLU A 23 10.88 8.40 1.96
N GLU A 24 9.66 8.26 1.52
CA GLU A 24 8.56 7.87 2.45
C GLU A 24 8.47 6.33 2.61
N ASP A 25 9.28 5.59 1.90
CA ASP A 25 9.23 4.11 2.03
C ASP A 25 10.41 3.61 2.86
N GLY A 26 11.04 4.47 3.62
CA GLY A 26 12.20 4.04 4.45
C GLY A 26 11.69 3.19 5.62
N GLY A 27 10.99 2.13 5.33
CA GLY A 27 10.44 1.25 6.41
C GLY A 27 8.90 1.27 6.40
N SER A 28 8.29 1.86 5.40
CA SER A 28 6.80 1.90 5.33
C SER A 28 6.30 0.97 4.23
N PRO A 29 5.99 -0.25 4.60
CA PRO A 29 5.50 -1.25 3.61
C PRO A 29 4.05 -0.92 3.18
N ALA A 30 3.87 0.13 2.43
CA ALA A 30 2.49 0.50 1.98
C ALA A 30 2.32 0.20 0.49
N GLU A 31 2.45 -1.05 0.10
CA GLU A 31 2.29 -1.41 -1.34
C GLU A 31 0.81 -1.46 -1.72
N GLY A 32 -0.05 -1.77 -0.79
CA GLY A 32 -1.50 -1.82 -1.10
C GLY A 32 -1.82 -3.10 -1.90
N CYS A 33 -1.34 -4.23 -1.47
CA CYS A 33 -1.63 -5.49 -2.22
C CYS A 33 -3.04 -6.00 -1.84
N ALA A 34 -4.05 -5.54 -2.53
CA ALA A 34 -5.44 -5.99 -2.22
C ALA A 34 -5.91 -7.03 -3.24
N GLU A 35 -5.98 -6.65 -4.49
CA GLU A 35 -6.44 -7.60 -5.54
C GLU A 35 -5.26 -8.46 -6.04
N ALA A 36 -5.45 -9.20 -7.10
CA ALA A 36 -4.36 -10.05 -7.64
C ALA A 36 -3.81 -9.46 -8.95
N GLU A 37 -3.77 -8.16 -9.05
CA GLU A 37 -3.25 -7.52 -10.31
C GLU A 37 -1.91 -6.84 -10.04
N GLY A 38 -1.85 -5.95 -9.07
CA GLY A 38 -0.57 -5.26 -8.77
C GLY A 38 0.43 -6.26 -8.16
N CYS A 39 -0.04 -7.12 -7.30
CA CYS A 39 0.87 -8.13 -6.67
C CYS A 39 0.06 -9.32 -6.18
N LEU A 40 -0.20 -10.28 -7.05
CA LEU A 40 -1.00 -11.48 -6.64
C LEU A 40 -0.18 -12.37 -5.68
N ARG A 41 -0.49 -13.64 -5.60
CA ARG A 41 0.28 -14.55 -4.69
C ARG A 41 0.01 -16.03 -5.00
N ARG A 42 -1.19 -16.39 -5.39
CA ARG A 42 -1.51 -17.82 -5.69
C ARG A 42 -1.24 -18.70 -4.46
N GLU A 43 -1.75 -18.30 -3.32
CA GLU A 43 -1.54 -19.10 -2.07
C GLU A 43 -0.04 -19.35 -1.82
N GLY A 44 0.70 -18.33 -1.46
CA GLY A 44 2.16 -18.50 -1.20
C GLY A 44 2.76 -17.18 -0.75
N GLN A 45 2.38 -16.71 0.42
CA GLN A 45 2.91 -15.42 0.94
C GLN A 45 2.88 -15.39 2.48
N ALA A 1 -15.90 25.24 -35.75
CA ALA A 1 -14.44 25.47 -35.49
C ALA A 1 -14.26 26.70 -34.60
N LEU A 2 -13.07 26.91 -34.07
CA LEU A 2 -12.78 28.09 -33.18
C LEU A 2 -13.55 27.96 -31.86
N ALA A 3 -12.92 27.42 -30.85
CA ALA A 3 -13.59 27.26 -29.53
C ALA A 3 -12.71 27.81 -28.42
N ARG A 4 -13.12 28.88 -27.78
CA ARG A 4 -12.30 29.48 -26.69
C ARG A 4 -13.20 30.23 -25.69
N CYS A 5 -13.90 29.50 -24.85
CA CYS A 5 -14.79 30.16 -23.85
C CYS A 5 -14.53 29.54 -22.46
N PRO A 6 -14.30 30.39 -21.48
CA PRO A 6 -14.03 29.92 -20.10
C PRO A 6 -15.27 29.29 -19.46
N GLY A 7 -16.41 29.91 -19.61
CA GLY A 7 -17.66 29.34 -19.00
C GLY A 7 -18.25 28.27 -19.92
N CYS A 8 -17.44 27.32 -20.35
CA CYS A 8 -17.96 26.24 -21.24
C CYS A 8 -17.80 24.86 -20.59
N GLY A 9 -16.80 24.67 -19.75
CA GLY A 9 -16.60 23.35 -19.09
C GLY A 9 -15.36 22.68 -19.67
N GLN A 10 -14.51 22.15 -18.82
CA GLN A 10 -13.27 21.45 -19.30
C GLN A 10 -12.57 22.26 -20.39
N GLY A 11 -12.35 23.53 -20.15
CA GLY A 11 -11.67 24.38 -21.17
C GLY A 11 -10.15 24.30 -21.01
N VAL A 12 -9.65 24.58 -19.82
CA VAL A 12 -8.17 24.50 -19.60
C VAL A 12 -7.88 23.84 -18.24
N GLN A 13 -8.49 22.72 -17.96
CA GLN A 13 -8.25 22.03 -16.66
C GLN A 13 -6.96 21.19 -16.72
N ALA A 14 -6.35 21.05 -17.88
CA ALA A 14 -5.11 20.25 -18.00
C ALA A 14 -3.99 21.10 -18.63
N GLY A 15 -2.78 20.95 -18.18
CA GLY A 15 -1.66 21.74 -18.76
C GLY A 15 -0.33 21.08 -18.41
N CYS A 16 0.15 20.20 -19.25
CA CYS A 16 1.45 19.52 -18.94
C CYS A 16 2.61 20.25 -19.63
N PRO A 17 3.78 20.13 -19.04
CA PRO A 17 4.99 20.78 -19.62
C PRO A 17 5.46 19.93 -20.83
N GLY A 18 6.74 19.88 -21.09
CA GLY A 18 7.23 19.06 -22.25
C GLY A 18 6.92 17.58 -22.05
N GLY A 19 6.52 17.16 -20.87
CA GLY A 19 6.21 15.72 -20.62
C GLY A 19 5.16 15.61 -19.53
N CYS A 20 3.98 15.11 -19.86
CA CYS A 20 2.90 14.97 -18.83
C CYS A 20 3.04 13.67 -18.02
N VAL A 21 3.90 12.77 -18.44
CA VAL A 21 4.05 11.49 -17.66
C VAL A 21 5.54 11.21 -17.35
N GLU A 22 6.36 12.22 -17.27
CA GLU A 22 7.80 11.98 -16.95
C GLU A 22 8.13 12.40 -15.50
N GLU A 23 7.18 12.97 -14.80
CA GLU A 23 7.44 13.39 -13.39
C GLU A 23 6.24 13.04 -12.48
N GLU A 24 5.05 13.35 -12.91
CA GLU A 24 3.84 13.05 -12.09
C GLU A 24 3.74 11.54 -11.83
N ASP A 25 3.85 11.11 -10.60
CA ASP A 25 3.74 9.66 -10.30
C ASP A 25 2.37 9.37 -9.68
N GLY A 26 1.41 9.04 -10.49
CA GLY A 26 0.03 8.76 -9.95
C GLY A 26 -0.01 7.34 -9.39
N GLY A 27 0.80 7.06 -8.39
CA GLY A 27 0.80 5.69 -7.80
C GLY A 27 1.88 5.60 -6.71
N SER A 28 2.00 4.45 -6.09
CA SER A 28 3.03 4.29 -5.03
C SER A 28 3.34 2.79 -4.82
N PRO A 29 4.52 2.52 -4.31
CA PRO A 29 4.93 1.11 -4.04
C PRO A 29 4.09 0.51 -2.91
N ALA A 30 3.83 1.29 -1.89
CA ALA A 30 3.00 0.79 -0.75
C ALA A 30 1.53 1.15 -0.97
N GLU A 31 1.01 0.89 -2.15
CA GLU A 31 -0.41 1.22 -2.44
C GLU A 31 -1.36 0.17 -1.82
N GLY A 32 -0.84 -0.94 -1.35
CA GLY A 32 -1.72 -1.97 -0.76
C GLY A 32 -2.00 -3.03 -1.80
N CYS A 33 -1.13 -4.00 -1.93
CA CYS A 33 -1.34 -5.06 -2.95
C CYS A 33 -2.35 -6.10 -2.44
N ALA A 34 -3.58 -5.68 -2.24
CA ALA A 34 -4.64 -6.62 -1.75
C ALA A 34 -5.72 -6.80 -2.83
N GLU A 35 -5.34 -7.21 -4.01
CA GLU A 35 -6.32 -7.40 -5.11
C GLU A 35 -5.89 -8.55 -6.02
N ALA A 36 -6.44 -8.61 -7.20
CA ALA A 36 -6.04 -9.71 -8.15
C ALA A 36 -4.70 -9.34 -8.78
N GLU A 37 -4.43 -8.07 -8.97
CA GLU A 37 -3.15 -7.64 -9.55
C GLU A 37 -2.56 -6.47 -8.74
N GLY A 38 -3.12 -5.30 -8.88
CA GLY A 38 -2.62 -4.12 -8.11
C GLY A 38 -1.13 -3.88 -8.40
N CYS A 39 -0.28 -4.34 -7.52
CA CYS A 39 1.20 -4.14 -7.72
C CYS A 39 1.85 -5.41 -8.29
N LEU A 40 1.08 -6.42 -8.64
CA LEU A 40 1.65 -7.68 -9.21
C LEU A 40 2.63 -8.33 -8.24
N ARG A 41 3.41 -9.28 -8.70
CA ARG A 41 4.40 -9.97 -7.81
C ARG A 41 5.75 -10.06 -8.52
N ARG A 42 6.79 -9.53 -7.91
CA ARG A 42 8.15 -9.57 -8.55
C ARG A 42 9.21 -9.97 -7.50
N GLU A 43 9.01 -11.07 -6.84
CA GLU A 43 9.99 -11.53 -5.80
C GLU A 43 11.22 -12.17 -6.46
N GLY A 44 12.11 -11.37 -7.00
CA GLY A 44 13.34 -11.94 -7.63
C GLY A 44 13.33 -11.66 -9.14
N GLN A 45 12.19 -11.84 -9.79
CA GLN A 45 12.12 -11.59 -11.26
C GLN A 45 10.84 -10.81 -11.61
N ALA A 1 26.32 30.37 -12.46
CA ALA A 1 26.74 31.30 -13.55
C ALA A 1 25.75 31.21 -14.73
N LEU A 2 25.90 32.06 -15.71
CA LEU A 2 24.97 32.01 -16.88
C LEU A 2 25.45 30.97 -17.91
N ALA A 3 24.93 31.03 -19.12
CA ALA A 3 25.34 30.06 -20.20
C ALA A 3 24.89 28.63 -19.88
N ARG A 4 24.07 28.45 -18.86
CA ARG A 4 23.57 27.08 -18.48
C ARG A 4 24.74 26.16 -18.10
N CYS A 5 24.43 24.94 -17.76
CA CYS A 5 25.49 23.97 -17.36
C CYS A 5 25.08 22.55 -17.76
N PRO A 6 26.05 21.66 -17.83
CA PRO A 6 25.76 20.25 -18.20
C PRO A 6 24.94 19.55 -17.12
N GLY A 7 25.11 19.91 -15.87
CA GLY A 7 24.33 19.27 -14.78
C GLY A 7 23.04 20.06 -14.50
N CYS A 8 22.56 20.81 -15.47
CA CYS A 8 21.32 21.61 -15.26
C CYS A 8 20.09 20.86 -15.82
N GLY A 9 20.21 19.58 -16.03
CA GLY A 9 19.04 18.81 -16.59
C GLY A 9 18.04 18.51 -15.47
N GLN A 10 18.49 18.02 -14.35
CA GLN A 10 17.55 17.71 -13.23
C GLN A 10 17.77 18.67 -12.05
N GLY A 11 17.99 19.93 -12.33
CA GLY A 11 18.19 20.92 -11.23
C GLY A 11 16.85 21.42 -10.70
N VAL A 12 16.05 20.54 -10.15
CA VAL A 12 14.71 20.96 -9.62
C VAL A 12 14.46 20.35 -8.23
N GLN A 13 15.41 20.45 -7.35
CA GLN A 13 15.22 19.88 -5.98
C GLN A 13 14.25 20.74 -5.15
N ALA A 14 12.98 20.64 -5.42
CA ALA A 14 11.98 21.45 -4.66
C ALA A 14 11.14 20.56 -3.76
N GLY A 15 10.29 19.74 -4.31
CA GLY A 15 9.44 18.85 -3.47
C GLY A 15 8.90 17.70 -4.32
N CYS A 16 7.66 17.73 -4.68
CA CYS A 16 7.08 16.64 -5.52
C CYS A 16 6.63 17.20 -6.87
N PRO A 17 6.46 16.33 -7.85
CA PRO A 17 6.02 16.77 -9.19
C PRO A 17 4.56 17.24 -9.18
N GLY A 18 3.64 16.39 -8.80
CA GLY A 18 2.20 16.78 -8.75
C GLY A 18 1.74 16.92 -7.30
N GLY A 19 2.21 16.08 -6.43
CA GLY A 19 1.79 16.16 -5.00
C GLY A 19 2.36 14.95 -4.25
N CYS A 20 2.90 15.16 -3.09
CA CYS A 20 3.48 14.01 -2.31
C CYS A 20 2.36 13.21 -1.62
N VAL A 21 1.51 12.59 -2.40
CA VAL A 21 0.41 11.77 -1.79
C VAL A 21 0.33 10.42 -2.51
N GLU A 22 0.38 10.40 -3.81
CA GLU A 22 0.36 9.11 -4.55
C GLU A 22 1.80 8.61 -4.72
N GLU A 23 2.65 8.86 -3.75
CA GLU A 23 4.06 8.41 -3.85
C GLU A 23 4.69 8.31 -2.45
N GLU A 24 5.02 9.42 -1.84
CA GLU A 24 5.62 9.41 -0.48
C GLU A 24 6.91 8.57 -0.47
N ASP A 25 7.41 8.22 0.70
CA ASP A 25 8.66 7.42 0.80
C ASP A 25 8.33 5.98 1.22
N GLY A 26 9.14 5.03 0.81
CA GLY A 26 8.90 3.62 1.20
C GLY A 26 7.96 2.96 0.19
N GLY A 27 6.68 3.07 0.38
CA GLY A 27 5.71 2.42 -0.56
C GLY A 27 5.78 0.89 -0.38
N SER A 28 5.41 0.41 0.78
CA SER A 28 5.46 -1.07 1.02
C SER A 28 4.22 -1.76 0.45
N PRO A 29 4.44 -2.80 -0.32
CA PRO A 29 3.31 -3.56 -0.93
C PRO A 29 2.54 -4.35 0.14
N ALA A 30 3.06 -4.46 1.34
CA ALA A 30 2.36 -5.22 2.41
C ALA A 30 1.29 -4.37 3.10
N GLU A 31 1.03 -3.18 2.63
CA GLU A 31 0.00 -2.30 3.26
C GLU A 31 -1.40 -2.75 2.82
N GLY A 32 -1.77 -2.44 1.61
CA GLY A 32 -3.12 -2.84 1.10
C GLY A 32 -2.98 -3.37 -0.32
N CYS A 33 -1.82 -3.82 -0.71
CA CYS A 33 -1.66 -4.36 -2.10
C CYS A 33 -2.20 -5.80 -2.15
N ALA A 34 -3.48 -5.95 -1.98
CA ALA A 34 -4.10 -7.32 -2.02
C ALA A 34 -5.30 -7.34 -2.98
N GLU A 35 -5.09 -6.96 -4.21
CA GLU A 35 -6.19 -6.96 -5.21
C GLU A 35 -6.22 -8.30 -5.98
N ALA A 36 -6.54 -8.28 -7.25
CA ALA A 36 -6.58 -9.57 -8.02
C ALA A 36 -5.49 -9.58 -9.10
N GLU A 37 -4.56 -8.65 -9.06
CA GLU A 37 -3.48 -8.63 -10.08
C GLU A 37 -2.29 -7.79 -9.59
N GLY A 38 -2.53 -6.55 -9.22
CA GLY A 38 -1.43 -5.64 -8.75
C GLY A 38 -0.47 -6.36 -7.80
N CYS A 39 -1.00 -6.99 -6.78
CA CYS A 39 -0.10 -7.70 -5.81
C CYS A 39 -0.73 -9.03 -5.38
N LEU A 40 -0.69 -10.03 -6.24
CA LEU A 40 -1.28 -11.37 -5.88
C LEU A 40 -2.73 -11.19 -5.40
N ARG A 41 -3.20 -12.02 -4.50
CA ARG A 41 -4.60 -11.88 -4.00
C ARG A 41 -4.67 -12.18 -2.50
N ARG A 42 -5.68 -11.67 -1.83
CA ARG A 42 -5.80 -11.92 -0.37
C ARG A 42 -6.67 -13.15 -0.11
N GLU A 43 -7.78 -13.25 -0.80
CA GLU A 43 -8.69 -14.41 -0.61
C GLU A 43 -8.22 -15.60 -1.46
N GLY A 44 -8.38 -16.79 -0.95
CA GLY A 44 -7.94 -17.99 -1.70
C GLY A 44 -8.94 -18.33 -2.81
N GLN A 45 -9.11 -17.44 -3.76
CA GLN A 45 -10.07 -17.70 -4.89
C GLN A 45 -9.68 -16.88 -6.13
N ALA A 1 7.34 -41.32 27.89
CA ALA A 1 7.14 -40.49 26.67
C ALA A 1 5.83 -40.88 25.97
N LEU A 2 4.83 -40.04 26.06
CA LEU A 2 3.53 -40.36 25.40
C LEU A 2 3.67 -40.33 23.87
N ALA A 3 2.82 -41.02 23.17
CA ALA A 3 2.90 -41.03 21.68
C ALA A 3 2.35 -39.71 21.11
N ARG A 4 3.07 -38.63 21.29
CA ARG A 4 2.60 -37.32 20.76
C ARG A 4 3.55 -36.81 19.67
N CYS A 5 3.14 -36.88 18.42
CA CYS A 5 4.01 -36.40 17.31
C CYS A 5 3.15 -35.83 16.18
N PRO A 6 3.28 -34.56 15.94
CA PRO A 6 2.49 -33.88 14.88
C PRO A 6 3.19 -33.96 13.50
N GLY A 7 4.49 -34.13 13.45
CA GLY A 7 5.19 -34.17 12.13
C GLY A 7 5.69 -35.59 11.81
N CYS A 8 4.81 -36.51 11.57
CA CYS A 8 5.25 -37.90 11.23
C CYS A 8 4.13 -38.65 10.49
N GLY A 9 4.48 -39.57 9.63
CA GLY A 9 3.45 -40.33 8.86
C GLY A 9 3.20 -39.61 7.54
N GLN A 10 2.04 -39.02 7.38
CA GLN A 10 1.72 -38.29 6.12
C GLN A 10 0.65 -37.22 6.37
N GLY A 11 0.61 -36.65 7.56
CA GLY A 11 -0.40 -35.60 7.86
C GLY A 11 0.15 -34.23 7.44
N VAL A 12 0.41 -34.06 6.17
CA VAL A 12 0.95 -32.75 5.67
C VAL A 12 0.06 -32.24 4.53
N GLN A 13 0.20 -32.82 3.35
CA GLN A 13 -0.63 -32.39 2.17
C GLN A 13 -0.72 -30.85 2.07
N ALA A 14 0.34 -30.15 2.41
CA ALA A 14 0.31 -28.65 2.33
C ALA A 14 0.32 -28.19 0.86
N GLY A 15 0.79 -29.01 -0.04
CA GLY A 15 0.83 -28.60 -1.47
C GLY A 15 2.18 -28.98 -2.06
N CYS A 16 3.26 -28.55 -1.44
CA CYS A 16 4.62 -28.89 -1.97
C CYS A 16 5.11 -30.22 -1.39
N PRO A 17 5.39 -31.15 -2.27
CA PRO A 17 5.89 -32.47 -1.83
C PRO A 17 7.36 -32.37 -1.41
N GLY A 18 7.63 -31.89 -0.23
CA GLY A 18 9.03 -31.76 0.24
C GLY A 18 9.61 -30.43 -0.24
N GLY A 19 9.46 -30.11 -1.51
CA GLY A 19 10.00 -28.83 -2.05
C GLY A 19 9.18 -27.64 -1.54
N CYS A 20 9.26 -27.35 -0.28
CA CYS A 20 8.49 -26.20 0.30
C CYS A 20 9.44 -25.03 0.58
N VAL A 21 9.21 -23.91 -0.06
CA VAL A 21 10.11 -22.73 0.14
C VAL A 21 9.43 -21.64 0.99
N GLU A 22 8.16 -21.76 1.26
CA GLU A 22 7.47 -20.72 2.09
C GLU A 22 7.77 -20.92 3.59
N GLU A 23 9.02 -21.04 3.94
CA GLU A 23 9.41 -21.24 5.36
C GLU A 23 9.90 -19.92 5.96
N GLU A 24 10.39 -19.02 5.14
CA GLU A 24 10.90 -17.72 5.65
C GLU A 24 9.73 -16.75 5.93
N ASP A 25 9.98 -15.46 5.88
CA ASP A 25 8.89 -14.45 6.13
C ASP A 25 8.08 -14.23 4.85
N GLY A 26 8.73 -14.00 3.74
CA GLY A 26 8.00 -13.78 2.46
C GLY A 26 8.70 -12.73 1.60
N GLY A 27 10.00 -12.83 1.45
CA GLY A 27 10.75 -11.83 0.62
C GLY A 27 10.66 -10.44 1.27
N SER A 28 10.32 -9.44 0.50
CA SER A 28 10.20 -8.07 1.07
C SER A 28 9.08 -7.29 0.36
N PRO A 29 7.85 -7.63 0.68
CA PRO A 29 6.68 -6.96 0.06
C PRO A 29 6.51 -5.53 0.61
N ALA A 30 7.36 -4.61 0.22
CA ALA A 30 7.24 -3.21 0.72
C ALA A 30 6.32 -2.38 -0.19
N GLU A 31 5.06 -2.73 -0.25
CA GLU A 31 4.12 -1.96 -1.12
C GLU A 31 2.68 -2.08 -0.56
N GLY A 32 2.11 -3.24 -0.61
CA GLY A 32 0.71 -3.42 -0.10
C GLY A 32 -0.17 -3.99 -1.21
N CYS A 33 -0.18 -5.29 -1.38
CA CYS A 33 -1.02 -5.89 -2.45
C CYS A 33 -2.36 -6.35 -1.85
N ALA A 34 -3.44 -5.72 -2.23
CA ALA A 34 -4.78 -6.10 -1.69
C ALA A 34 -5.59 -6.82 -2.78
N GLU A 35 -5.62 -6.26 -3.97
CA GLU A 35 -6.40 -6.88 -5.09
C GLU A 35 -5.60 -8.04 -5.70
N ALA A 36 -6.14 -8.69 -6.70
CA ALA A 36 -5.41 -9.84 -7.32
C ALA A 36 -4.31 -9.31 -8.26
N GLU A 37 -4.59 -8.24 -8.96
CA GLU A 37 -3.57 -7.67 -9.89
C GLU A 37 -3.24 -6.23 -9.48
N GLY A 38 -3.25 -5.94 -8.20
CA GLY A 38 -2.95 -4.56 -7.72
C GLY A 38 -1.44 -4.35 -7.57
N CYS A 39 -0.66 -5.41 -7.68
CA CYS A 39 0.82 -5.24 -7.54
C CYS A 39 1.41 -4.70 -8.86
N LEU A 40 1.18 -3.45 -9.15
CA LEU A 40 1.70 -2.85 -10.41
C LEU A 40 3.20 -2.57 -10.30
N ARG A 41 3.74 -1.78 -11.19
CA ARG A 41 5.21 -1.43 -11.17
C ARG A 41 6.10 -2.67 -11.46
N ARG A 42 5.52 -3.85 -11.62
CA ARG A 42 6.33 -5.08 -11.90
C ARG A 42 7.39 -5.32 -10.83
N GLU A 43 7.22 -4.78 -9.64
CA GLU A 43 8.22 -5.01 -8.57
C GLU A 43 7.85 -6.26 -7.77
N GLY A 44 8.42 -7.38 -8.12
CA GLY A 44 8.09 -8.65 -7.39
C GLY A 44 9.25 -9.62 -7.54
N GLN A 45 10.35 -9.36 -6.88
CA GLN A 45 11.53 -10.27 -6.98
C GLN A 45 12.21 -10.40 -5.60
#